data_6XWN
#
_entry.id   6XWN
#
_cell.length_a   1.00
_cell.length_b   1.00
_cell.length_c   1.00
_cell.angle_alpha   90.00
_cell.angle_beta   90.00
_cell.angle_gamma   90.00
#
_symmetry.space_group_name_H-M   'P 1'
#
loop_
_entity.id
_entity.type
_entity.pdbx_description
1 polymer 'Proton/glutamate symporter, SDF family'
2 non-polymer '(3S)-3-(BENZYLOXY)-L-ASPARTIC ACID'
#
_entity_poly.entity_id   1
_entity_poly.type   'polypeptide(L)'
_entity_poly.pdbx_seq_one_letter_code
;MGKSLLRRYLDYPVLWKILWGLVLGAVFGLIAGHFGYAGAVKTYIKPFGDLFVRLLKMLVMPIVLASLVVGAASISPARL
GRVGVKIVVYYLATSAMAVFFGLIVGRLFNVGANVNLGSGTGKAIEAQPPSLVQTLLNIVPTNPFASLAKGEVLPVIFFA
IILGIAITYLMNRNEERVRKSAETLLRVFDGLAEAMYLIVGGVMQYAPIGVFALIAYVMAEQGVRVVGPLAKVVGAVYTG
LFLQIVITYFILLKVFGIDPIKFIRKAKDAMITAFVTRSSSGTLPVTMRVAEEEMGVDKGIFSFTLPLGATINMDGTALY
QGVTVLFVANAIGHPLTLGQQLVVVLTAVLASIGTAGVPGAGAIMLAMVLQSVGLDLTPGSPVALAYAMILGIDAILDMG
RTMVNVTGDLAGTVIVAKTEKELDESKWIS
;
_entity_poly.pdbx_strand_id   A,B,C
#
loop_
_chem_comp.id
_chem_comp.type
_chem_comp.name
_chem_comp.formula
TB1 non-polymer '(3S)-3-(BENZYLOXY)-L-ASPARTIC ACID' 'C11 H13 N O5'
#
# COMPACT_ATOMS: atom_id res chain seq x y z
N SER A 4 -36.09 21.90 -14.15
CA SER A 4 -35.61 21.22 -12.95
C SER A 4 -34.65 20.09 -13.32
N LEU A 5 -33.77 20.35 -14.28
CA LEU A 5 -32.78 19.37 -14.68
C LEU A 5 -31.72 19.20 -13.59
N LEU A 6 -30.82 18.23 -13.81
CA LEU A 6 -29.82 17.92 -12.79
C LEU A 6 -28.86 19.09 -12.57
N ARG A 7 -28.72 19.98 -13.55
CA ARG A 7 -27.91 21.18 -13.33
C ARG A 7 -28.46 22.06 -12.23
N ARG A 8 -29.79 22.12 -12.10
CA ARG A 8 -30.42 22.84 -10.99
C ARG A 8 -30.28 22.04 -9.69
N TYR A 9 -30.31 20.71 -9.80
CA TYR A 9 -30.21 19.83 -8.65
C TYR A 9 -28.88 20.03 -7.92
N LEU A 10 -27.87 20.54 -8.63
CA LEU A 10 -26.57 20.79 -8.03
C LEU A 10 -26.48 22.12 -7.28
N ASP A 11 -27.53 22.94 -7.33
CA ASP A 11 -27.53 24.21 -6.61
C ASP A 11 -28.23 24.14 -5.26
N TYR A 12 -29.13 23.18 -5.07
CA TYR A 12 -29.79 23.02 -3.78
C TYR A 12 -28.76 22.67 -2.70
N PRO A 13 -28.98 23.12 -1.46
CA PRO A 13 -28.02 22.82 -0.39
C PRO A 13 -27.89 21.32 -0.18
N VAL A 14 -26.69 20.90 0.21
CA VAL A 14 -26.37 19.47 0.25
C VAL A 14 -27.11 18.77 1.38
N LEU A 15 -27.03 19.33 2.59
CA LEU A 15 -27.60 18.64 3.75
C LEU A 15 -29.12 18.54 3.66
N TRP A 16 -29.77 19.59 3.18
CA TRP A 16 -31.22 19.52 3.01
C TRP A 16 -31.58 18.59 1.87
N LYS A 17 -30.75 18.51 0.83
CA LYS A 17 -30.97 17.50 -0.20
C LYS A 17 -30.86 16.10 0.38
N ILE A 18 -29.94 15.89 1.32
CA ILE A 18 -29.77 14.58 1.93
C ILE A 18 -30.97 14.22 2.78
N LEU A 19 -31.47 15.16 3.58
CA LEU A 19 -32.65 14.90 4.38
C LEU A 19 -33.87 14.63 3.50
N TRP A 20 -34.02 15.41 2.42
CA TRP A 20 -35.10 15.16 1.47
C TRP A 20 -34.97 13.77 0.86
N GLY A 21 -33.75 13.36 0.51
CA GLY A 21 -33.55 12.03 -0.02
C GLY A 21 -33.90 10.95 0.96
N LEU A 22 -33.60 11.16 2.25
CA LEU A 22 -33.92 10.15 3.25
C LEU A 22 -35.42 10.05 3.46
N VAL A 23 -36.13 11.18 3.47
CA VAL A 23 -37.58 11.11 3.67
C VAL A 23 -38.26 10.49 2.44
N LEU A 24 -37.80 10.85 1.24
CA LEU A 24 -38.32 10.22 0.04
C LEU A 24 -38.02 8.73 0.03
N GLY A 25 -36.84 8.34 0.52
CA GLY A 25 -36.54 6.92 0.63
C GLY A 25 -37.43 6.21 1.63
N ALA A 26 -37.74 6.88 2.74
CA ALA A 26 -38.68 6.32 3.71
C ALA A 26 -40.02 6.04 3.06
N VAL A 27 -40.61 7.06 2.42
CA VAL A 27 -41.93 6.87 1.85
C VAL A 27 -41.90 5.87 0.70
N PHE A 28 -40.83 5.87 -0.09
CA PHE A 28 -40.75 4.95 -1.21
C PHE A 28 -40.60 3.52 -0.74
N GLY A 29 -39.76 3.28 0.27
CA GLY A 29 -39.66 1.97 0.84
C GLY A 29 -40.97 1.49 1.42
N LEU A 30 -41.68 2.37 2.12
CA LEU A 30 -42.98 1.99 2.68
C LEU A 30 -43.96 1.58 1.59
N ILE A 31 -44.07 2.38 0.53
CA ILE A 31 -45.01 2.04 -0.54
C ILE A 31 -44.61 0.76 -1.24
N ALA A 32 -43.35 0.64 -1.65
CA ALA A 32 -42.91 -0.53 -2.38
C ALA A 32 -42.81 -1.77 -1.49
N GLY A 33 -42.91 -1.62 -0.17
CA GLY A 33 -42.94 -2.77 0.70
C GLY A 33 -44.36 -3.20 1.00
N HIS A 34 -45.29 -2.25 1.01
CA HIS A 34 -46.69 -2.62 1.19
C HIS A 34 -47.29 -3.17 -0.10
N PHE A 35 -46.82 -2.70 -1.26
CA PHE A 35 -47.30 -3.26 -2.53
C PHE A 35 -46.62 -4.59 -2.85
N GLY A 36 -45.44 -4.84 -2.30
CA GLY A 36 -44.75 -6.09 -2.52
C GLY A 36 -43.66 -6.01 -3.56
N TYR A 37 -42.91 -4.91 -3.57
CA TYR A 37 -41.85 -4.68 -4.54
C TYR A 37 -40.47 -4.77 -3.92
N ALA A 38 -40.32 -5.53 -2.82
CA ALA A 38 -39.03 -5.65 -2.15
C ALA A 38 -37.95 -6.14 -3.10
N GLY A 39 -38.15 -7.33 -3.68
CA GLY A 39 -37.24 -7.85 -4.67
C GLY A 39 -37.14 -7.02 -5.93
N ALA A 40 -38.04 -6.04 -6.11
CA ALA A 40 -37.98 -5.13 -7.23
C ALA A 40 -37.18 -3.86 -6.92
N VAL A 41 -36.85 -3.63 -5.65
CA VAL A 41 -35.95 -2.54 -5.28
C VAL A 41 -34.62 -3.03 -4.76
N LYS A 42 -34.49 -4.33 -4.45
CA LYS A 42 -33.19 -4.88 -4.06
C LYS A 42 -32.25 -5.04 -5.23
N THR A 43 -32.74 -4.92 -6.47
CA THR A 43 -31.92 -5.09 -7.66
C THR A 43 -31.90 -3.87 -8.57
N TYR A 44 -32.97 -3.09 -8.63
CA TYR A 44 -33.04 -1.93 -9.50
C TYR A 44 -32.82 -0.61 -8.76
N ILE A 45 -32.79 -0.63 -7.43
CA ILE A 45 -32.58 0.57 -6.62
C ILE A 45 -31.35 0.45 -5.73
N LYS A 46 -31.15 -0.71 -5.11
CA LYS A 46 -30.01 -0.91 -4.22
C LYS A 46 -28.65 -0.63 -4.85
N PRO A 47 -28.37 -0.98 -6.11
CA PRO A 47 -27.04 -0.69 -6.67
C PRO A 47 -26.59 0.74 -6.53
N PHE A 48 -27.51 1.72 -6.58
CA PHE A 48 -27.08 3.11 -6.38
C PHE A 48 -26.64 3.34 -4.94
N GLY A 49 -27.29 2.69 -3.98
CA GLY A 49 -26.84 2.80 -2.61
C GLY A 49 -25.48 2.14 -2.40
N ASP A 50 -25.27 0.97 -3.00
CA ASP A 50 -23.97 0.33 -2.90
C ASP A 50 -22.89 1.18 -3.56
N LEU A 51 -23.23 1.82 -4.68
CA LEU A 51 -22.28 2.72 -5.34
C LEU A 51 -21.95 3.90 -4.44
N PHE A 52 -22.95 4.46 -3.76
CA PHE A 52 -22.68 5.57 -2.86
C PHE A 52 -21.78 5.13 -1.71
N VAL A 53 -22.01 3.94 -1.17
CA VAL A 53 -21.19 3.47 -0.07
C VAL A 53 -19.75 3.23 -0.53
N ARG A 54 -19.58 2.65 -1.72
CA ARG A 54 -18.23 2.44 -2.24
C ARG A 54 -17.55 3.75 -2.61
N LEU A 55 -18.33 4.77 -2.98
CA LEU A 55 -17.78 6.08 -3.30
C LEU A 55 -17.44 6.88 -2.05
N LEU A 56 -18.11 6.60 -0.94
CA LEU A 56 -17.83 7.28 0.31
C LEU A 56 -16.66 6.64 1.03
N LYS A 57 -16.60 5.31 1.05
CA LYS A 57 -15.50 4.62 1.70
C LYS A 57 -14.17 4.83 0.99
N MET A 58 -14.18 5.36 -0.24
CA MET A 58 -12.94 5.57 -0.97
C MET A 58 -12.15 6.73 -0.38
N LEU A 59 -12.82 7.86 -0.16
CA LEU A 59 -12.18 9.08 0.34
C LEU A 59 -11.71 8.96 1.78
N VAL A 60 -11.91 7.83 2.44
CA VAL A 60 -11.58 7.74 3.86
C VAL A 60 -10.07 7.68 4.05
N MET A 61 -9.36 6.94 3.21
CA MET A 61 -7.92 6.79 3.40
C MET A 61 -7.11 7.97 2.86
N PRO A 62 -7.35 8.46 1.64
CA PRO A 62 -6.58 9.61 1.16
C PRO A 62 -6.86 10.90 1.93
N ILE A 63 -7.91 10.95 2.74
CA ILE A 63 -8.17 12.12 3.57
C ILE A 63 -7.39 12.06 4.87
N VAL A 64 -7.44 10.91 5.57
CA VAL A 64 -6.70 10.76 6.81
C VAL A 64 -5.20 10.72 6.62
N LEU A 65 -4.73 10.60 5.38
CA LEU A 65 -3.30 10.64 5.12
C LEU A 65 -2.83 12.06 4.78
N ALA A 66 -3.55 12.73 3.87
CA ALA A 66 -3.15 14.07 3.46
C ALA A 66 -3.61 15.13 4.44
N SER A 67 -4.92 15.19 4.70
CA SER A 67 -5.48 16.22 5.57
C SER A 67 -4.86 16.18 6.95
N LEU A 68 -4.63 14.98 7.47
CA LEU A 68 -4.00 14.87 8.79
C LEU A 68 -2.57 15.40 8.76
N VAL A 69 -1.84 15.12 7.68
CA VAL A 69 -0.48 15.63 7.57
C VAL A 69 -0.48 17.15 7.57
N VAL A 70 -1.34 17.76 6.77
CA VAL A 70 -1.39 19.21 6.69
C VAL A 70 -1.81 19.81 8.04
N GLY A 71 -2.84 19.25 8.65
CA GLY A 71 -3.28 19.69 9.96
C GLY A 71 -2.15 19.65 10.97
N ALA A 72 -1.57 18.46 11.19
CA ALA A 72 -0.46 18.34 12.13
C ALA A 72 0.69 19.26 11.78
N ALA A 73 0.86 19.58 10.49
CA ALA A 73 1.89 20.53 10.08
C ALA A 73 1.45 21.97 10.22
N SER A 74 0.22 22.21 10.66
CA SER A 74 -0.22 23.57 10.96
C SER A 74 -0.25 23.89 12.45
N ILE A 75 -0.25 22.87 13.31
CA ILE A 75 -0.33 23.06 14.76
C ILE A 75 0.89 22.48 15.47
N SER A 76 1.92 22.08 14.73
CA SER A 76 3.02 21.33 15.31
C SER A 76 3.75 22.14 16.37
N PRO A 77 4.37 21.48 17.35
CA PRO A 77 5.13 22.20 18.37
C PRO A 77 6.37 22.91 17.85
N ALA A 78 6.69 22.77 16.56
CA ALA A 78 7.81 23.50 15.99
C ALA A 78 7.48 24.95 15.72
N ARG A 79 6.21 25.33 15.81
CA ARG A 79 5.79 26.71 15.59
C ARG A 79 4.77 27.13 16.64
N LEU A 80 4.76 26.47 17.80
CA LEU A 80 3.87 26.80 18.90
C LEU A 80 4.68 27.48 20.00
N GLY A 81 4.33 28.72 20.31
CA GLY A 81 4.97 29.43 21.40
C GLY A 81 4.34 29.04 22.72
N ARG A 82 3.97 30.04 23.52
CA ARG A 82 3.23 29.75 24.75
C ARG A 82 1.74 29.64 24.47
N VAL A 83 1.17 30.65 23.81
CA VAL A 83 -0.24 30.64 23.46
C VAL A 83 -0.57 29.43 22.59
N GLY A 84 0.33 29.08 21.67
CA GLY A 84 0.11 27.97 20.78
C GLY A 84 -0.18 26.67 21.50
N VAL A 85 0.76 26.24 22.35
CA VAL A 85 0.58 24.99 23.08
C VAL A 85 -0.58 25.13 24.06
N LYS A 86 -0.71 26.29 24.71
CA LYS A 86 -1.75 26.44 25.71
C LYS A 86 -3.16 26.44 25.12
N ILE A 87 -3.29 26.69 23.82
CA ILE A 87 -4.61 26.63 23.19
C ILE A 87 -4.78 25.27 22.51
N VAL A 88 -3.69 24.66 22.07
CA VAL A 88 -3.79 23.37 21.40
C VAL A 88 -4.12 22.26 22.40
N VAL A 89 -3.49 22.30 23.58
CA VAL A 89 -3.85 21.33 24.61
C VAL A 89 -5.31 21.49 25.00
N TYR A 90 -5.80 22.74 25.00
CA TYR A 90 -7.22 22.96 25.31
C TYR A 90 -8.11 22.35 24.24
N TYR A 91 -7.78 22.61 22.97
CA TYR A 91 -8.60 22.07 21.89
C TYR A 91 -8.65 20.55 21.94
N LEU A 92 -7.50 19.91 22.17
CA LEU A 92 -7.47 18.45 22.23
C LEU A 92 -8.21 17.91 23.44
N ALA A 93 -8.01 18.52 24.62
CA ALA A 93 -8.69 18.04 25.81
C ALA A 93 -10.19 18.23 25.71
N THR A 94 -10.64 19.36 25.15
CA THR A 94 -12.06 19.60 25.02
C THR A 94 -12.67 18.66 23.98
N SER A 95 -11.95 18.38 22.90
CA SER A 95 -12.45 17.41 21.93
C SER A 95 -12.57 16.02 22.56
N ALA A 96 -11.60 15.65 23.40
CA ALA A 96 -11.67 14.36 24.06
C ALA A 96 -12.85 14.28 25.01
N MET A 97 -13.04 15.32 25.83
CA MET A 97 -14.18 15.31 26.75
C MET A 97 -15.50 15.40 26.00
N ALA A 98 -15.50 15.98 24.80
CA ALA A 98 -16.73 16.02 24.02
C ALA A 98 -17.07 14.66 23.44
N VAL A 99 -16.08 13.93 22.93
CA VAL A 99 -16.33 12.56 22.49
C VAL A 99 -16.75 11.70 23.67
N PHE A 100 -16.17 11.94 24.84
CA PHE A 100 -16.54 11.17 26.02
C PHE A 100 -17.97 11.47 26.44
N PHE A 101 -18.39 12.74 26.36
CA PHE A 101 -19.78 13.07 26.63
C PHE A 101 -20.71 12.45 25.60
N GLY A 102 -20.27 12.39 24.35
CA GLY A 102 -21.05 11.72 23.34
C GLY A 102 -21.27 10.26 23.68
N LEU A 103 -20.19 9.56 24.04
CA LEU A 103 -20.31 8.15 24.43
C LEU A 103 -21.22 7.99 25.65
N ILE A 104 -21.06 8.87 26.65
CA ILE A 104 -21.86 8.77 27.87
C ILE A 104 -23.33 8.93 27.56
N VAL A 105 -23.70 10.01 26.87
CA VAL A 105 -25.11 10.28 26.62
C VAL A 105 -25.68 9.27 25.63
N GLY A 106 -24.85 8.71 24.75
CA GLY A 106 -25.33 7.67 23.86
C GLY A 106 -25.68 6.39 24.61
N ARG A 107 -24.80 5.98 25.52
CA ARG A 107 -25.08 4.79 26.33
C ARG A 107 -26.25 5.04 27.28
N LEU A 108 -26.41 6.26 27.77
CA LEU A 108 -27.52 6.57 28.67
C LEU A 108 -28.85 6.53 27.92
N PHE A 109 -28.95 7.29 26.83
CA PHE A 109 -30.18 7.32 26.05
C PHE A 109 -30.50 5.99 25.40
N ASN A 110 -29.52 5.09 25.31
CA ASN A 110 -29.68 3.80 24.62
C ASN A 110 -30.11 4.04 23.17
N VAL A 111 -29.24 4.73 22.44
CA VAL A 111 -29.56 5.12 21.07
C VAL A 111 -29.54 3.88 20.17
N GLY A 112 -30.44 3.88 19.19
CA GLY A 112 -30.50 2.80 18.22
C GLY A 112 -30.68 1.42 18.81
N ALA A 113 -31.76 1.22 19.55
CA ALA A 113 -32.08 -0.09 20.10
C ALA A 113 -33.35 -0.70 19.54
N ASN A 114 -34.19 0.09 18.86
CA ASN A 114 -35.42 -0.39 18.26
C ASN A 114 -35.31 -0.51 16.74
N VAL A 115 -34.09 -0.55 16.21
CA VAL A 115 -33.86 -0.70 14.79
C VAL A 115 -33.36 -2.10 14.45
N ASN A 116 -32.43 -2.64 15.25
CA ASN A 116 -31.98 -4.03 15.27
C ASN A 116 -31.96 -4.71 13.91
N LEU A 117 -31.33 -4.06 12.92
CA LEU A 117 -31.29 -4.59 11.56
C LEU A 117 -30.10 -5.52 11.33
N GLY A 118 -29.52 -6.08 12.40
CA GLY A 118 -28.40 -6.99 12.28
C GLY A 118 -28.84 -8.43 12.14
N SER A 119 -27.97 -9.24 11.53
CA SER A 119 -28.28 -10.64 11.31
C SER A 119 -28.25 -11.42 12.63
N GLY A 120 -27.15 -11.29 13.38
CA GLY A 120 -27.00 -11.97 14.65
C GLY A 120 -26.50 -11.02 15.71
N THR A 121 -26.35 -11.56 16.91
CA THR A 121 -25.88 -10.79 18.07
C THR A 121 -24.38 -10.98 18.26
N GLY A 122 -23.71 -11.49 17.22
CA GLY A 122 -22.29 -11.72 17.27
C GLY A 122 -21.89 -13.13 16.85
N LYS A 123 -21.04 -13.22 15.85
CA LYS A 123 -20.55 -14.50 15.32
C LYS A 123 -19.04 -14.63 15.41
N ALA A 124 -18.29 -13.58 15.10
CA ALA A 124 -16.84 -13.59 15.22
C ALA A 124 -16.38 -12.43 16.08
N ILE A 125 -17.20 -11.37 16.14
CA ILE A 125 -16.95 -10.23 17.03
C ILE A 125 -17.45 -10.62 18.41
N GLU A 126 -17.01 -9.88 19.43
CA GLU A 126 -17.38 -10.15 20.82
C GLU A 126 -17.06 -11.58 21.21
N ALA A 127 -15.91 -12.08 20.75
CA ALA A 127 -15.45 -13.43 21.06
C ALA A 127 -14.03 -13.50 21.59
N GLN A 128 -13.25 -12.42 21.49
CA GLN A 128 -11.90 -12.36 22.04
C GLN A 128 -11.66 -10.97 22.59
N PRO A 129 -10.99 -10.85 23.73
CA PRO A 129 -10.71 -9.54 24.29
C PRO A 129 -9.44 -8.94 23.71
N PRO A 130 -9.54 -7.80 23.01
CA PRO A 130 -8.35 -7.08 22.57
C PRO A 130 -7.72 -6.35 23.74
N SER A 131 -6.51 -6.76 24.11
CA SER A 131 -5.83 -6.15 25.24
C SER A 131 -5.66 -4.65 25.01
N LEU A 132 -6.10 -3.86 25.99
CA LEU A 132 -6.09 -2.41 25.83
C LEU A 132 -4.66 -1.91 25.61
N VAL A 133 -3.69 -2.49 26.30
CA VAL A 133 -2.29 -2.14 26.04
C VAL A 133 -1.91 -2.48 24.62
N GLN A 134 -2.28 -3.68 24.16
CA GLN A 134 -1.98 -4.07 22.79
C GLN A 134 -2.77 -3.25 21.78
N THR A 135 -3.94 -2.74 22.18
CA THR A 135 -4.69 -1.86 21.30
C THR A 135 -4.01 -0.50 21.20
N LEU A 136 -3.36 -0.05 22.27
CA LEU A 136 -2.60 1.20 22.19
C LEU A 136 -1.32 1.01 21.39
N LEU A 137 -0.68 -0.15 21.50
CA LEU A 137 0.51 -0.40 20.70
C LEU A 137 0.19 -0.70 19.24
N ASN A 138 -1.08 -0.73 18.85
CA ASN A 138 -1.46 -0.80 17.46
C ASN A 138 -1.63 0.58 16.83
N ILE A 139 -1.52 1.64 17.63
CA ILE A 139 -1.50 2.99 17.09
C ILE A 139 -0.26 3.21 16.24
N VAL A 140 0.89 2.77 16.75
CA VAL A 140 2.15 2.86 16.02
C VAL A 140 2.18 1.74 14.99
N PRO A 141 2.16 2.03 13.70
CA PRO A 141 2.10 0.96 12.71
C PRO A 141 3.46 0.37 12.42
N THR A 142 3.52 -0.95 12.33
CA THR A 142 4.77 -1.60 11.94
C THR A 142 5.14 -1.29 10.50
N ASN A 143 4.19 -0.84 9.71
CA ASN A 143 4.45 -0.40 8.34
C ASN A 143 3.36 0.57 7.92
N PRO A 144 3.71 1.84 7.67
CA PRO A 144 2.65 2.81 7.33
C PRO A 144 1.98 2.51 6.00
N PHE A 145 2.74 2.03 5.02
CA PHE A 145 2.14 1.68 3.74
C PHE A 145 1.27 0.44 3.85
N ALA A 146 1.63 -0.50 4.72
CA ALA A 146 0.79 -1.66 4.96
C ALA A 146 -0.48 -1.28 5.70
N SER A 147 -0.41 -0.27 6.58
CA SER A 147 -1.61 0.22 7.25
C SER A 147 -2.43 1.15 6.36
N LEU A 148 -1.87 1.60 5.24
CA LEU A 148 -2.67 2.27 4.23
C LEU A 148 -3.38 1.25 3.35
N ALA A 149 -2.66 0.24 2.86
CA ALA A 149 -3.23 -0.75 1.96
C ALA A 149 -4.14 -1.75 2.64
N LYS A 150 -4.10 -1.85 3.97
CA LYS A 150 -4.97 -2.75 4.70
C LYS A 150 -6.23 -2.07 5.20
N GLY A 151 -6.37 -0.77 5.00
CA GLY A 151 -7.56 -0.06 5.42
C GLY A 151 -7.66 0.12 6.92
N GLU A 152 -6.59 0.62 7.53
CA GLU A 152 -6.59 0.99 8.94
C GLU A 152 -6.51 2.51 9.07
N VAL A 153 -7.22 3.05 10.03
CA VAL A 153 -7.42 4.49 10.15
C VAL A 153 -6.56 5.10 11.25
N LEU A 154 -6.44 4.42 12.39
CA LEU A 154 -5.69 5.00 13.50
C LEU A 154 -4.18 4.92 13.28
N PRO A 155 -3.60 3.80 12.83
CA PRO A 155 -2.15 3.81 12.57
C PRO A 155 -1.73 4.86 11.55
N VAL A 156 -2.48 4.99 10.46
CA VAL A 156 -2.11 6.00 9.47
C VAL A 156 -2.34 7.40 10.00
N ILE A 157 -3.29 7.58 10.92
CA ILE A 157 -3.46 8.89 11.55
C ILE A 157 -2.25 9.24 12.38
N PHE A 158 -1.74 8.27 13.16
CA PHE A 158 -0.54 8.53 13.95
C PHE A 158 0.64 8.84 13.04
N PHE A 159 0.81 8.05 11.98
CA PHE A 159 1.95 8.27 11.10
C PHE A 159 1.86 9.62 10.39
N ALA A 160 0.64 10.03 10.03
CA ALA A 160 0.47 11.32 9.39
C ALA A 160 0.79 12.45 10.35
N ILE A 161 0.35 12.33 11.61
CA ILE A 161 0.67 13.35 12.61
C ILE A 161 2.17 13.47 12.78
N ILE A 162 2.85 12.33 12.90
CA ILE A 162 4.30 12.33 13.08
C ILE A 162 5.00 12.95 11.87
N LEU A 163 4.52 12.63 10.67
CA LEU A 163 5.12 13.20 9.46
C LEU A 163 4.92 14.71 9.40
N GLY A 164 3.75 15.19 9.79
CA GLY A 164 3.52 16.63 9.78
C GLY A 164 4.44 17.36 10.75
N ILE A 165 4.58 16.82 11.96
CA ILE A 165 5.47 17.45 12.92
C ILE A 165 6.91 17.46 12.40
N ALA A 166 7.35 16.34 11.82
CA ALA A 166 8.69 16.28 11.26
C ALA A 166 8.87 17.30 10.15
N ILE A 167 7.84 17.48 9.32
CA ILE A 167 7.98 18.38 8.18
C ILE A 167 8.05 19.83 8.64
N THR A 168 7.32 20.19 9.70
CA THR A 168 7.49 21.54 10.23
C THR A 168 8.87 21.73 10.84
N TYR A 169 9.33 20.76 11.63
CA TYR A 169 10.67 20.85 12.20
C TYR A 169 11.74 20.93 11.11
N LEU A 170 11.45 20.41 9.93
CA LEU A 170 12.34 20.59 8.78
C LEU A 170 12.22 21.99 8.20
N MET A 171 10.99 22.49 8.04
CA MET A 171 10.80 23.82 7.48
C MET A 171 11.42 24.90 8.35
N ASN A 172 11.67 24.60 9.62
CA ASN A 172 12.36 25.54 10.51
C ASN A 172 13.87 25.31 10.54
N ARG A 173 14.45 24.81 9.46
CA ARG A 173 15.87 24.50 9.40
C ARG A 173 16.61 25.54 8.57
N ASN A 174 17.81 25.91 9.02
CA ASN A 174 18.56 26.98 8.37
C ASN A 174 19.08 26.59 6.99
N GLU A 175 19.20 25.29 6.70
CA GLU A 175 19.68 24.86 5.39
C GLU A 175 18.66 25.23 4.31
N GLU A 176 19.09 25.13 3.05
CA GLU A 176 18.27 25.51 1.92
C GLU A 176 17.67 24.32 1.19
N ARG A 177 18.48 23.29 0.92
CA ARG A 177 17.97 22.12 0.20
C ARG A 177 16.88 21.42 0.99
N VAL A 178 17.10 21.21 2.29
CA VAL A 178 16.13 20.48 3.10
C VAL A 178 14.88 21.32 3.34
N ARG A 179 15.03 22.64 3.47
CA ARG A 179 13.86 23.49 3.65
C ARG A 179 13.01 23.51 2.38
N LYS A 180 13.66 23.61 1.21
CA LYS A 180 12.93 23.52 -0.04
C LYS A 180 12.22 22.17 -0.18
N SER A 181 12.89 21.09 0.21
CA SER A 181 12.29 19.77 0.11
C SER A 181 11.09 19.64 1.02
N ALA A 182 11.18 20.17 2.25
CA ALA A 182 10.04 20.11 3.16
C ALA A 182 8.88 20.94 2.64
N GLU A 183 9.16 22.14 2.13
CA GLU A 183 8.11 22.95 1.51
C GLU A 183 7.41 22.19 0.39
N THR A 184 8.19 21.52 -0.47
CA THR A 184 7.59 20.83 -1.61
C THR A 184 6.77 19.62 -1.15
N LEU A 185 7.24 18.88 -0.16
CA LEU A 185 6.47 17.75 0.34
C LEU A 185 5.16 18.22 0.97
N LEU A 186 5.22 19.30 1.74
CA LEU A 186 3.99 19.82 2.33
C LEU A 186 3.04 20.34 1.26
N ARG A 187 3.58 20.91 0.17
CA ARG A 187 2.70 21.34 -0.91
C ARG A 187 2.05 20.15 -1.61
N VAL A 188 2.78 19.04 -1.74
CA VAL A 188 2.19 17.84 -2.32
C VAL A 188 1.04 17.35 -1.46
N PHE A 189 1.25 17.27 -0.14
CA PHE A 189 0.19 16.79 0.74
C PHE A 189 -0.99 17.76 0.78
N ASP A 190 -0.71 19.07 0.70
CA ASP A 190 -1.80 20.05 0.62
C ASP A 190 -2.61 19.87 -0.64
N GLY A 191 -1.94 19.64 -1.78
CA GLY A 191 -2.67 19.42 -3.02
C GLY A 191 -3.51 18.15 -2.99
N LEU A 192 -2.97 17.09 -2.39
CA LEU A 192 -3.75 15.86 -2.27
C LEU A 192 -4.98 16.07 -1.39
N ALA A 193 -4.81 16.75 -0.25
CA ALA A 193 -5.95 17.01 0.62
C ALA A 193 -7.00 17.87 -0.08
N GLU A 194 -6.56 18.87 -0.85
CA GLU A 194 -7.52 19.75 -1.51
C GLU A 194 -8.27 19.01 -2.62
N ALA A 195 -7.57 18.17 -3.39
CA ALA A 195 -8.26 17.36 -4.38
C ALA A 195 -9.26 16.42 -3.73
N MET A 196 -8.89 15.85 -2.57
CA MET A 196 -9.83 15.01 -1.85
C MET A 196 -11.03 15.78 -1.36
N TYR A 197 -10.86 17.06 -1.00
CA TYR A 197 -12.01 17.86 -0.59
C TYR A 197 -12.93 18.16 -1.78
N LEU A 198 -12.35 18.40 -2.95
CA LEU A 198 -13.18 18.55 -4.16
C LEU A 198 -13.98 17.28 -4.42
N ILE A 199 -13.32 16.13 -4.38
CA ILE A 199 -14.02 14.87 -4.65
C ILE A 199 -15.04 14.54 -3.58
N VAL A 200 -14.79 14.89 -2.32
CA VAL A 200 -15.78 14.68 -1.27
C VAL A 200 -16.92 15.69 -1.34
N GLY A 201 -16.73 16.81 -2.03
CA GLY A 201 -17.86 17.66 -2.33
C GLY A 201 -18.73 17.06 -3.42
N GLY A 202 -18.09 16.51 -4.46
CA GLY A 202 -18.85 15.82 -5.49
C GLY A 202 -19.63 14.63 -4.96
N VAL A 203 -18.98 13.83 -4.11
CA VAL A 203 -19.63 12.66 -3.55
C VAL A 203 -20.81 13.07 -2.66
N MET A 204 -20.65 14.14 -1.89
CA MET A 204 -21.76 14.62 -1.07
C MET A 204 -22.89 15.18 -1.94
N GLN A 205 -22.56 15.74 -3.10
CA GLN A 205 -23.61 16.11 -4.05
C GLN A 205 -24.34 14.88 -4.55
N TYR A 206 -23.65 13.76 -4.71
CA TYR A 206 -24.31 12.52 -5.12
C TYR A 206 -25.07 11.85 -3.98
N ALA A 207 -24.71 12.14 -2.73
CA ALA A 207 -25.23 11.50 -1.53
C ALA A 207 -26.76 11.43 -1.41
N PRO A 208 -27.53 12.42 -1.88
CA PRO A 208 -28.98 12.27 -1.82
C PRO A 208 -29.50 10.98 -2.44
N ILE A 209 -29.08 10.66 -3.67
CA ILE A 209 -29.56 9.45 -4.32
C ILE A 209 -29.09 8.21 -3.59
N GLY A 210 -27.88 8.24 -3.04
CA GLY A 210 -27.38 7.07 -2.32
C GLY A 210 -28.15 6.81 -1.05
N VAL A 211 -28.40 7.86 -0.26
CA VAL A 211 -29.20 7.69 0.95
C VAL A 211 -30.62 7.26 0.60
N PHE A 212 -31.17 7.82 -0.48
CA PHE A 212 -32.50 7.40 -0.92
C PHE A 212 -32.53 5.92 -1.22
N ALA A 213 -31.56 5.44 -2.01
CA ALA A 213 -31.54 4.02 -2.38
C ALA A 213 -31.38 3.13 -1.16
N LEU A 214 -30.46 3.49 -0.26
CA LEU A 214 -30.20 2.66 0.90
C LEU A 214 -31.42 2.58 1.82
N ILE A 215 -32.03 3.74 2.11
CA ILE A 215 -33.19 3.75 2.99
C ILE A 215 -34.38 3.07 2.34
N ALA A 216 -34.55 3.25 1.03
CA ALA A 216 -35.62 2.55 0.33
C ALA A 216 -35.47 1.05 0.43
N TYR A 217 -34.25 0.54 0.16
CA TYR A 217 -34.02 -0.89 0.27
C TYR A 217 -34.26 -1.39 1.69
N VAL A 218 -33.78 -0.64 2.69
CA VAL A 218 -33.97 -1.05 4.09
C VAL A 218 -35.46 -1.15 4.41
N MET A 219 -36.20 -0.06 4.22
CA MET A 219 -37.59 -0.04 4.62
C MET A 219 -38.48 -0.90 3.73
N ALA A 220 -37.99 -1.30 2.55
CA ALA A 220 -38.76 -2.22 1.73
C ALA A 220 -38.54 -3.66 2.19
N GLU A 221 -37.28 -4.10 2.26
CA GLU A 221 -36.99 -5.46 2.68
C GLU A 221 -37.46 -5.70 4.11
N GLN A 222 -36.87 -5.00 5.07
CA GLN A 222 -37.30 -5.08 6.46
C GLN A 222 -38.35 -4.01 6.74
N GLY A 223 -39.31 -4.36 7.59
CA GLY A 223 -40.36 -3.41 7.94
C GLY A 223 -39.93 -2.38 8.95
N VAL A 224 -38.63 -2.33 9.24
CA VAL A 224 -38.12 -1.43 10.27
C VAL A 224 -38.38 0.02 9.88
N ARG A 225 -38.77 0.83 10.85
CA ARG A 225 -38.94 2.26 10.67
C ARG A 225 -37.75 2.99 11.27
N VAL A 226 -37.41 4.13 10.66
CA VAL A 226 -36.22 4.88 11.02
C VAL A 226 -36.64 6.28 11.47
N VAL A 227 -37.78 6.39 12.13
CA VAL A 227 -38.23 7.64 12.72
C VAL A 227 -38.06 7.64 14.24
N GLY A 228 -38.38 6.53 14.90
CA GLY A 228 -38.28 6.44 16.34
C GLY A 228 -36.85 6.57 16.85
N PRO A 229 -36.01 5.60 16.49
CA PRO A 229 -34.59 5.68 16.91
C PRO A 229 -33.91 6.94 16.40
N LEU A 230 -34.32 7.47 15.26
CA LEU A 230 -33.64 8.66 14.74
C LEU A 230 -34.03 9.92 15.51
N ALA A 231 -35.31 10.05 15.87
CA ALA A 231 -35.68 11.12 16.79
C ALA A 231 -34.98 10.96 18.13
N LYS A 232 -34.80 9.72 18.56
CA LYS A 232 -34.06 9.49 19.81
C LYS A 232 -32.61 9.95 19.66
N VAL A 233 -31.99 9.72 18.50
CA VAL A 233 -30.60 10.13 18.32
C VAL A 233 -30.51 11.65 18.25
N VAL A 234 -31.47 12.30 17.58
CA VAL A 234 -31.49 13.77 17.57
C VAL A 234 -31.57 14.30 18.99
N GLY A 235 -32.52 13.80 19.77
CA GLY A 235 -32.65 14.23 21.15
C GLY A 235 -31.40 13.96 21.97
N ALA A 236 -30.76 12.82 21.72
CA ALA A 236 -29.57 12.46 22.48
C ALA A 236 -28.40 13.38 22.13
N VAL A 237 -28.23 13.70 20.85
CA VAL A 237 -27.14 14.60 20.45
C VAL A 237 -27.37 15.99 21.01
N TYR A 238 -28.62 16.45 21.03
CA TYR A 238 -28.85 17.81 21.53
C TYR A 238 -28.73 17.87 23.05
N THR A 239 -29.23 16.85 23.75
CA THR A 239 -28.98 16.77 25.19
C THR A 239 -27.48 16.68 25.47
N GLY A 240 -26.75 15.97 24.62
CA GLY A 240 -25.31 15.88 24.78
C GLY A 240 -24.62 17.21 24.56
N LEU A 241 -25.10 18.00 23.60
CA LEU A 241 -24.55 19.33 23.39
C LEU A 241 -24.85 20.24 24.59
N PHE A 242 -26.07 20.14 25.13
CA PHE A 242 -26.40 20.90 26.33
C PHE A 242 -25.47 20.53 27.48
N LEU A 243 -25.31 19.23 27.72
CA LEU A 243 -24.41 18.77 28.78
C LEU A 243 -22.98 19.19 28.49
N GLN A 244 -22.56 19.13 27.24
CA GLN A 244 -21.22 19.57 26.85
C GLN A 244 -21.01 21.01 27.26
N ILE A 245 -21.86 21.91 26.76
CA ILE A 245 -21.74 23.33 27.11
C ILE A 245 -21.69 23.48 28.62
N VAL A 246 -22.77 23.09 29.29
CA VAL A 246 -22.91 23.35 30.72
C VAL A 246 -21.73 22.76 31.48
N ILE A 247 -21.61 21.43 31.50
CA ILE A 247 -20.57 20.81 32.31
C ILE A 247 -19.19 21.29 31.87
N THR A 248 -18.80 20.97 30.64
CA THR A 248 -17.42 21.22 30.22
C THR A 248 -17.06 22.68 30.39
N TYR A 249 -17.77 23.60 29.72
CA TYR A 249 -17.32 24.97 29.70
C TYR A 249 -17.58 25.68 31.01
N PHE A 250 -18.65 25.35 31.75
CA PHE A 250 -18.88 26.03 33.01
C PHE A 250 -17.85 25.61 34.06
N ILE A 251 -17.46 24.33 34.09
CA ILE A 251 -16.40 23.95 35.03
C ILE A 251 -15.05 24.51 34.57
N LEU A 252 -14.77 24.47 33.26
CA LEU A 252 -13.50 24.99 32.76
C LEU A 252 -13.40 26.50 32.96
N LEU A 253 -14.53 27.20 33.07
CA LEU A 253 -14.50 28.62 33.37
C LEU A 253 -14.37 28.86 34.87
N LYS A 254 -15.24 28.24 35.66
CA LYS A 254 -15.19 28.42 37.11
C LYS A 254 -13.87 27.96 37.70
N VAL A 255 -13.09 27.16 36.98
CA VAL A 255 -11.77 26.79 37.47
C VAL A 255 -10.71 27.82 37.07
N PHE A 256 -10.96 28.62 36.05
CA PHE A 256 -10.02 29.64 35.59
C PHE A 256 -10.53 31.05 35.89
N GLY A 257 -11.20 31.21 37.03
CA GLY A 257 -11.62 32.51 37.52
C GLY A 257 -12.42 33.36 36.54
N ILE A 258 -13.59 32.86 36.15
CA ILE A 258 -14.45 33.53 35.17
C ILE A 258 -15.90 33.27 35.55
N ASP A 259 -16.74 34.31 35.43
CA ASP A 259 -18.17 34.15 35.64
C ASP A 259 -18.81 33.59 34.38
N PRO A 260 -19.33 32.36 34.40
CA PRO A 260 -19.83 31.76 33.16
C PRO A 260 -21.09 32.42 32.62
N ILE A 261 -21.93 32.99 33.48
CA ILE A 261 -23.16 33.62 33.01
C ILE A 261 -22.85 34.80 32.10
N LYS A 262 -21.83 35.58 32.45
CA LYS A 262 -21.40 36.66 31.56
C LYS A 262 -20.85 36.10 30.26
N PHE A 263 -20.14 34.96 30.33
CA PHE A 263 -19.65 34.32 29.12
C PHE A 263 -20.80 33.98 28.18
N ILE A 264 -21.87 33.41 28.72
CA ILE A 264 -23.02 33.04 27.89
C ILE A 264 -23.69 34.28 27.33
N ARG A 265 -23.96 35.28 28.19
CA ARG A 265 -24.63 36.48 27.73
C ARG A 265 -23.81 37.26 26.71
N LYS A 266 -22.49 37.05 26.68
CA LYS A 266 -21.65 37.73 25.70
C LYS A 266 -21.49 36.94 24.42
N ALA A 267 -21.24 35.64 24.50
CA ALA A 267 -21.17 34.80 23.32
C ALA A 267 -22.52 34.47 22.73
N LYS A 268 -23.60 35.02 23.30
CA LYS A 268 -24.92 34.88 22.70
C LYS A 268 -24.92 35.21 21.21
N ASP A 269 -24.25 36.30 20.83
CA ASP A 269 -24.26 36.73 19.43
C ASP A 269 -23.64 35.67 18.52
N ALA A 270 -22.42 35.25 18.84
CA ALA A 270 -21.74 34.26 18.03
C ALA A 270 -22.49 32.94 18.03
N MET A 271 -23.09 32.57 19.16
CA MET A 271 -23.83 31.32 19.23
C MET A 271 -25.03 31.35 18.30
N ILE A 272 -25.83 32.41 18.35
CA ILE A 272 -27.01 32.49 17.49
C ILE A 272 -26.59 32.54 16.02
N THR A 273 -25.59 33.34 15.68
CA THR A 273 -25.25 33.45 14.26
C THR A 273 -24.64 32.15 13.73
N ALA A 274 -23.91 31.41 14.56
CA ALA A 274 -23.40 30.11 14.13
C ALA A 274 -24.52 29.09 14.00
N PHE A 275 -25.48 29.12 14.92
CA PHE A 275 -26.63 28.22 14.82
C PHE A 275 -27.48 28.53 13.60
N VAL A 276 -27.46 29.78 13.13
CA VAL A 276 -28.30 30.15 12.00
C VAL A 276 -27.57 30.04 10.66
N THR A 277 -26.23 30.09 10.65
CA THR A 277 -25.51 29.95 9.39
C THR A 277 -25.09 28.52 9.09
N ARG A 278 -25.02 27.66 10.11
CA ARG A 278 -24.59 26.28 9.96
C ARG A 278 -23.18 26.20 9.35
N SER A 279 -22.26 26.97 9.92
CA SER A 279 -20.88 26.98 9.45
C SER A 279 -19.97 27.47 10.56
N SER A 280 -18.91 26.71 10.84
CA SER A 280 -17.95 27.10 11.87
C SER A 280 -17.03 28.22 11.40
N SER A 281 -16.71 28.25 10.10
CA SER A 281 -15.86 29.30 9.56
C SER A 281 -16.66 30.46 8.98
N GLY A 282 -17.88 30.20 8.50
CA GLY A 282 -18.72 31.26 7.97
C GLY A 282 -19.12 32.31 8.98
N THR A 283 -18.87 32.06 10.27
CA THR A 283 -19.15 33.02 11.33
C THR A 283 -17.88 33.52 12.01
N LEU A 284 -16.74 33.37 11.34
CA LEU A 284 -15.45 33.78 11.88
C LEU A 284 -15.37 35.29 12.10
N PRO A 285 -15.83 36.13 11.16
CA PRO A 285 -15.84 37.58 11.47
C PRO A 285 -16.69 37.93 12.67
N VAL A 286 -17.85 37.31 12.81
CA VAL A 286 -18.74 37.64 13.93
C VAL A 286 -18.12 37.19 15.24
N THR A 287 -17.56 35.98 15.30
CA THR A 287 -16.94 35.56 16.55
C THR A 287 -15.69 36.36 16.85
N MET A 288 -14.97 36.81 15.82
CA MET A 288 -13.83 37.70 16.05
C MET A 288 -14.28 39.00 16.68
N ARG A 289 -15.34 39.60 16.14
CA ARG A 289 -15.86 40.84 16.72
C ARG A 289 -16.31 40.63 18.16
N VAL A 290 -17.01 39.52 18.42
CA VAL A 290 -17.52 39.26 19.77
C VAL A 290 -16.36 39.08 20.74
N ALA A 291 -15.32 38.35 20.33
CA ALA A 291 -14.16 38.18 21.20
C ALA A 291 -13.36 39.47 21.35
N GLU A 292 -13.45 40.39 20.39
CA GLU A 292 -12.66 41.60 20.45
C GLU A 292 -13.33 42.66 21.33
N GLU A 293 -14.57 43.01 21.03
CA GLU A 293 -15.22 44.14 21.68
C GLU A 293 -16.20 43.73 22.78
N GLU A 294 -16.64 42.48 22.82
CA GLU A 294 -17.57 42.04 23.84
C GLU A 294 -16.94 41.14 24.89
N MET A 295 -15.90 40.39 24.54
CA MET A 295 -15.21 39.56 25.53
C MET A 295 -14.06 40.34 26.18
N GLY A 296 -13.13 40.85 25.37
CA GLY A 296 -12.07 41.68 25.89
C GLY A 296 -10.67 41.21 25.53
N VAL A 297 -10.58 40.19 24.67
CA VAL A 297 -9.29 39.63 24.32
C VAL A 297 -8.48 40.65 23.52
N ASP A 298 -7.16 40.52 23.58
CA ASP A 298 -6.27 41.38 22.80
C ASP A 298 -6.17 40.86 21.38
N LYS A 299 -5.59 41.69 20.50
CA LYS A 299 -5.55 41.38 19.09
C LYS A 299 -4.81 40.07 18.81
N GLY A 300 -3.68 39.86 19.48
CA GLY A 300 -2.86 38.69 19.18
C GLY A 300 -3.56 37.38 19.47
N ILE A 301 -4.12 37.25 20.68
CA ILE A 301 -4.70 35.97 21.08
C ILE A 301 -5.95 35.67 20.27
N PHE A 302 -6.87 36.63 20.18
CA PHE A 302 -8.10 36.39 19.45
C PHE A 302 -7.89 36.41 17.94
N SER A 303 -6.70 36.78 17.47
CA SER A 303 -6.38 36.66 16.06
C SER A 303 -5.66 35.37 15.72
N PHE A 304 -4.99 34.75 16.69
CA PHE A 304 -4.31 33.48 16.45
C PHE A 304 -5.15 32.27 16.82
N THR A 305 -5.90 32.33 17.92
CA THR A 305 -6.61 31.14 18.38
C THR A 305 -7.92 30.91 17.63
N LEU A 306 -8.61 31.99 17.27
CA LEU A 306 -9.90 31.82 16.60
C LEU A 306 -9.80 31.17 15.22
N PRO A 307 -8.80 31.47 14.37
CA PRO A 307 -8.67 30.67 13.15
C PRO A 307 -8.21 29.25 13.42
N LEU A 308 -7.23 29.07 14.30
CA LEU A 308 -6.81 27.72 14.67
C LEU A 308 -7.98 26.94 15.26
N GLY A 309 -8.86 27.63 15.99
CA GLY A 309 -10.06 26.97 16.47
C GLY A 309 -11.07 26.70 15.37
N ALA A 310 -11.12 27.55 14.36
CA ALA A 310 -11.97 27.28 13.20
C ALA A 310 -11.47 26.10 12.40
N THR A 311 -10.20 25.73 12.55
CA THR A 311 -9.65 24.60 11.80
C THR A 311 -9.69 23.30 12.60
N ILE A 312 -9.10 23.29 13.80
CA ILE A 312 -8.85 22.04 14.50
C ILE A 312 -9.82 21.81 15.66
N ASN A 313 -10.35 22.88 16.23
CA ASN A 313 -11.19 22.75 17.42
C ASN A 313 -12.63 22.48 16.99
N MET A 314 -13.07 21.24 17.12
CA MET A 314 -14.44 20.86 16.78
C MET A 314 -14.95 19.90 17.84
N ASP A 315 -15.84 20.39 18.70
CA ASP A 315 -16.51 19.55 19.68
C ASP A 315 -17.83 19.01 19.17
N GLY A 316 -18.62 19.86 18.48
CA GLY A 316 -19.90 19.41 17.96
C GLY A 316 -19.77 18.16 17.09
N THR A 317 -18.83 18.18 16.14
CA THR A 317 -18.61 16.98 15.35
C THR A 317 -18.07 15.85 16.21
N ALA A 318 -17.25 16.17 17.20
CA ALA A 318 -16.71 15.13 18.08
C ALA A 318 -17.83 14.46 18.89
N LEU A 319 -18.74 15.25 19.45
CA LEU A 319 -19.85 14.68 20.20
C LEU A 319 -20.80 13.93 19.27
N TYR A 320 -21.04 14.47 18.08
CA TYR A 320 -21.92 13.79 17.13
C TYR A 320 -21.35 12.44 16.75
N GLN A 321 -20.03 12.33 16.63
CA GLN A 321 -19.41 11.03 16.37
C GLN A 321 -19.51 10.12 17.58
N GLY A 322 -19.21 10.64 18.77
CA GLY A 322 -19.30 9.85 19.98
C GLY A 322 -20.69 9.31 20.27
N VAL A 323 -21.72 9.96 19.72
CA VAL A 323 -23.08 9.45 19.84
C VAL A 323 -23.44 8.54 18.67
N THR A 324 -22.98 8.86 17.46
CA THR A 324 -23.44 8.13 16.28
C THR A 324 -22.73 6.80 16.13
N VAL A 325 -21.44 6.72 16.46
CA VAL A 325 -20.78 5.41 16.41
C VAL A 325 -21.42 4.47 17.42
N LEU A 326 -21.86 5.00 18.55
CA LEU A 326 -22.57 4.17 19.54
C LEU A 326 -23.95 3.79 19.03
N PHE A 327 -24.61 4.69 18.30
CA PHE A 327 -25.87 4.34 17.66
C PHE A 327 -25.70 3.21 16.67
N VAL A 328 -24.66 3.28 15.84
CA VAL A 328 -24.39 2.23 14.87
C VAL A 328 -24.09 0.91 15.57
N ALA A 329 -23.28 0.97 16.63
CA ALA A 329 -22.96 -0.24 17.39
C ALA A 329 -24.23 -0.88 17.95
N ASN A 330 -25.05 -0.09 18.67
CA ASN A 330 -26.27 -0.63 19.24
C ASN A 330 -27.29 -1.00 18.17
N ALA A 331 -27.13 -0.50 16.94
CA ALA A 331 -28.09 -0.79 15.89
C ALA A 331 -27.79 -2.12 15.19
N ILE A 332 -26.58 -2.25 14.65
CA ILE A 332 -26.25 -3.46 13.90
C ILE A 332 -26.17 -4.71 14.76
N GLY A 333 -26.28 -4.57 16.09
CA GLY A 333 -26.47 -5.72 16.94
C GLY A 333 -25.50 -5.91 18.08
N HIS A 334 -24.21 -5.70 17.86
CA HIS A 334 -23.23 -5.92 18.92
C HIS A 334 -22.61 -4.60 19.35
N PRO A 335 -22.75 -4.24 20.63
CA PRO A 335 -22.30 -2.92 21.08
C PRO A 335 -20.77 -2.86 21.18
N LEU A 336 -20.30 -1.73 21.68
CA LEU A 336 -18.87 -1.46 21.80
C LEU A 336 -18.33 -1.95 23.13
N THR A 337 -17.07 -2.36 23.13
CA THR A 337 -16.38 -2.78 24.35
C THR A 337 -15.85 -1.54 25.06
N LEU A 338 -15.02 -1.76 26.08
CA LEU A 338 -14.33 -0.67 26.75
C LEU A 338 -12.93 -0.43 26.18
N GLY A 339 -12.49 -1.27 25.26
CA GLY A 339 -11.17 -1.12 24.67
C GLY A 339 -11.22 -0.53 23.29
N GLN A 340 -12.42 -0.33 22.75
CA GLN A 340 -12.60 0.35 21.48
C GLN A 340 -13.42 1.62 21.58
N GLN A 341 -14.11 1.85 22.70
CA GLN A 341 -14.62 3.19 22.97
C GLN A 341 -13.47 4.19 23.04
N LEU A 342 -12.34 3.76 23.62
CA LEU A 342 -11.16 4.61 23.65
C LEU A 342 -10.57 4.78 22.26
N VAL A 343 -10.71 3.77 21.39
CA VAL A 343 -10.27 3.93 20.00
C VAL A 343 -11.13 4.97 19.29
N VAL A 344 -12.44 4.93 19.52
CA VAL A 344 -13.33 5.96 18.98
C VAL A 344 -12.90 7.33 19.48
N VAL A 345 -12.60 7.44 20.78
CA VAL A 345 -12.21 8.73 21.34
C VAL A 345 -10.92 9.23 20.69
N LEU A 346 -9.91 8.37 20.62
CA LEU A 346 -8.63 8.78 20.05
C LEU A 346 -8.76 9.13 18.58
N THR A 347 -9.55 8.36 17.82
CA THR A 347 -9.68 8.64 16.40
C THR A 347 -10.44 9.94 16.16
N ALA A 348 -11.55 10.15 16.88
CA ALA A 348 -12.29 11.40 16.74
C ALA A 348 -11.40 12.59 17.10
N VAL A 349 -10.63 12.49 18.18
CA VAL A 349 -9.77 13.60 18.59
C VAL A 349 -8.70 13.85 17.54
N LEU A 350 -7.86 12.84 17.28
CA LEU A 350 -6.75 13.01 16.34
C LEU A 350 -7.24 13.34 14.94
N ALA A 351 -8.50 13.08 14.62
CA ALA A 351 -9.06 13.51 13.35
C ALA A 351 -9.62 14.92 13.39
N SER A 352 -9.98 15.41 14.58
CA SER A 352 -10.42 16.79 14.69
C SER A 352 -9.32 17.78 14.34
N ILE A 353 -8.05 17.38 14.41
CA ILE A 353 -6.98 18.32 14.09
C ILE A 353 -6.80 18.49 12.58
N GLY A 354 -7.38 17.60 11.78
CA GLY A 354 -7.42 17.83 10.35
C GLY A 354 -8.85 17.81 9.83
N THR A 355 -9.37 18.97 9.44
CA THR A 355 -10.76 19.07 9.00
C THR A 355 -10.86 19.84 7.69
N ALA A 356 -12.07 19.96 7.16
CA ALA A 356 -12.27 20.62 5.89
C ALA A 356 -13.15 21.86 6.02
N GLY A 357 -14.30 21.71 6.68
CA GLY A 357 -15.36 22.69 6.67
C GLY A 357 -16.39 22.41 5.60
N VAL A 358 -16.07 21.55 4.64
CA VAL A 358 -16.99 21.04 3.63
C VAL A 358 -18.17 20.39 4.35
N PRO A 359 -19.38 20.39 3.78
CA PRO A 359 -20.50 19.68 4.42
C PRO A 359 -20.16 18.28 4.88
N GLY A 360 -19.47 17.51 4.04
CA GLY A 360 -19.13 16.14 4.41
C GLY A 360 -17.91 16.03 5.29
N ALA A 361 -17.77 16.93 6.26
CA ALA A 361 -16.70 16.86 7.26
C ALA A 361 -17.16 16.15 8.53
N GLY A 362 -18.42 15.76 8.60
CA GLY A 362 -18.90 14.92 9.67
C GLY A 362 -19.15 13.51 9.17
N ALA A 363 -19.71 13.40 7.97
CA ALA A 363 -19.94 12.07 7.39
C ALA A 363 -18.64 11.33 7.15
N ILE A 364 -17.63 12.03 6.62
CA ILE A 364 -16.36 11.38 6.35
C ILE A 364 -15.61 11.11 7.65
N MET A 365 -15.63 12.07 8.58
CA MET A 365 -14.97 11.85 9.86
C MET A 365 -15.73 10.88 10.75
N LEU A 366 -16.92 10.44 10.33
CA LEU A 366 -17.62 9.34 10.97
C LEU A 366 -17.40 8.01 10.27
N ALA A 367 -17.24 8.01 8.95
CA ALA A 367 -16.76 6.81 8.29
C ALA A 367 -15.38 6.42 8.79
N MET A 368 -14.53 7.42 9.03
CA MET A 368 -13.20 7.14 9.57
C MET A 368 -13.29 6.51 10.94
N VAL A 369 -14.21 7.00 11.78
CA VAL A 369 -14.37 6.43 13.12
C VAL A 369 -14.94 5.02 13.04
N LEU A 370 -15.95 4.82 12.18
CA LEU A 370 -16.54 3.51 11.99
C LEU A 370 -15.55 2.50 11.42
N GLN A 371 -14.51 2.98 10.75
CA GLN A 371 -13.46 2.07 10.28
C GLN A 371 -12.37 1.86 11.32
N SER A 372 -12.07 2.87 12.13
CA SER A 372 -11.03 2.74 13.13
C SER A 372 -11.47 1.83 14.28
N VAL A 373 -12.65 2.11 14.85
CA VAL A 373 -13.17 1.26 15.92
C VAL A 373 -13.38 -0.16 15.42
N GLY A 374 -13.64 -0.31 14.13
CA GLY A 374 -13.79 -1.58 13.48
C GLY A 374 -15.26 -1.91 13.31
N LEU A 375 -15.81 -1.50 12.17
CA LEU A 375 -17.18 -1.80 11.81
C LEU A 375 -17.24 -1.63 10.30
N ASP A 376 -17.16 -2.74 9.58
CA ASP A 376 -16.99 -2.67 8.13
C ASP A 376 -18.16 -1.94 7.48
N LEU A 377 -17.84 -0.95 6.65
CA LEU A 377 -18.83 -0.26 5.85
C LEU A 377 -19.14 -1.00 4.56
N THR A 378 -18.89 -2.30 4.53
CA THR A 378 -19.09 -3.11 3.35
C THR A 378 -20.49 -2.89 2.78
N PRO A 379 -20.63 -2.68 1.48
CA PRO A 379 -21.95 -2.44 0.88
C PRO A 379 -22.88 -3.62 1.15
N GLY A 380 -24.04 -3.31 1.74
CA GLY A 380 -25.01 -4.30 2.12
C GLY A 380 -25.01 -4.62 3.61
N SER A 381 -23.84 -4.57 4.25
CA SER A 381 -23.76 -4.83 5.67
C SER A 381 -24.61 -3.81 6.44
N PRO A 382 -25.23 -4.22 7.54
CA PRO A 382 -26.10 -3.29 8.28
C PRO A 382 -25.40 -2.04 8.76
N VAL A 383 -24.07 -2.04 8.83
CA VAL A 383 -23.36 -0.81 9.19
C VAL A 383 -23.59 0.26 8.14
N ALA A 384 -23.54 -0.12 6.86
CA ALA A 384 -23.78 0.85 5.80
C ALA A 384 -25.20 1.41 5.87
N LEU A 385 -26.17 0.55 6.19
CA LEU A 385 -27.56 1.02 6.25
C LEU A 385 -27.80 1.92 7.44
N ALA A 386 -27.24 1.56 8.61
CA ALA A 386 -27.40 2.42 9.78
C ALA A 386 -26.65 3.74 9.62
N TYR A 387 -25.50 3.71 8.94
CA TYR A 387 -24.79 4.94 8.63
C TYR A 387 -25.54 5.79 7.62
N ALA A 388 -26.25 5.15 6.68
CA ALA A 388 -27.11 5.90 5.77
C ALA A 388 -28.25 6.58 6.54
N MET A 389 -28.86 5.86 7.48
CA MET A 389 -29.86 6.47 8.35
C MET A 389 -29.29 7.69 9.05
N ILE A 390 -28.17 7.51 9.76
CA ILE A 390 -27.61 8.59 10.57
C ILE A 390 -26.99 9.71 9.74
N LEU A 391 -26.73 9.49 8.46
CA LEU A 391 -26.28 10.55 7.59
C LEU A 391 -27.44 11.26 6.92
N GLY A 392 -28.58 10.60 6.79
CA GLY A 392 -29.74 11.22 6.19
C GLY A 392 -30.43 12.26 7.04
N ILE A 393 -29.87 12.58 8.21
CA ILE A 393 -30.40 13.64 9.06
C ILE A 393 -29.29 14.63 9.43
N ASP A 394 -28.26 14.76 8.59
CA ASP A 394 -27.14 15.63 8.91
C ASP A 394 -27.55 17.09 9.07
N ALA A 395 -28.73 17.49 8.59
CA ALA A 395 -29.11 18.90 8.65
C ALA A 395 -29.31 19.35 10.09
N ILE A 396 -30.16 18.62 10.84
CA ILE A 396 -30.47 19.02 12.22
C ILE A 396 -29.22 18.98 13.09
N LEU A 397 -28.51 17.84 13.07
CA LEU A 397 -27.31 17.71 13.87
C LEU A 397 -26.26 18.74 13.47
N ASP A 398 -26.14 19.06 12.18
CA ASP A 398 -25.17 20.05 11.73
C ASP A 398 -25.51 21.43 12.29
N MET A 399 -26.75 21.86 12.11
CA MET A 399 -27.17 23.16 12.61
C MET A 399 -27.05 23.23 14.12
N GLY A 400 -27.16 22.10 14.81
CA GLY A 400 -27.03 22.11 16.24
C GLY A 400 -25.60 22.14 16.73
N ARG A 401 -24.70 21.44 16.06
CA ARG A 401 -23.33 21.30 16.51
C ARG A 401 -22.42 22.42 16.06
N THR A 402 -22.74 23.08 14.95
CA THR A 402 -21.94 24.23 14.54
C THR A 402 -21.95 25.33 15.58
N MET A 403 -22.96 25.36 16.45
CA MET A 403 -23.01 26.35 17.53
C MET A 403 -22.00 26.04 18.61
N VAL A 404 -21.98 24.80 19.10
CA VAL A 404 -21.04 24.45 20.15
C VAL A 404 -19.60 24.44 19.64
N ASN A 405 -19.40 24.25 18.33
CA ASN A 405 -18.04 24.38 17.79
C ASN A 405 -17.45 25.75 18.11
N VAL A 406 -18.11 26.82 17.64
CA VAL A 406 -17.59 28.16 17.87
C VAL A 406 -17.74 28.58 19.33
N THR A 407 -18.69 27.98 20.07
CA THR A 407 -18.76 28.23 21.50
C THR A 407 -17.48 27.76 22.19
N GLY A 408 -17.02 26.56 21.83
CA GLY A 408 -15.76 26.08 22.37
C GLY A 408 -14.58 26.91 21.90
N ASP A 409 -14.64 27.39 20.66
CA ASP A 409 -13.59 28.29 20.17
C ASP A 409 -13.47 29.52 21.07
N LEU A 410 -14.60 30.17 21.36
CA LEU A 410 -14.59 31.37 22.19
C LEU A 410 -14.17 31.04 23.62
N ALA A 411 -14.66 29.94 24.17
CA ALA A 411 -14.28 29.57 25.52
C ALA A 411 -12.77 29.33 25.62
N GLY A 412 -12.19 28.68 24.63
CA GLY A 412 -10.76 28.46 24.65
C GLY A 412 -9.95 29.73 24.48
N THR A 413 -10.40 30.61 23.59
CA THR A 413 -9.72 31.89 23.43
C THR A 413 -9.73 32.67 24.75
N VAL A 414 -10.90 32.76 25.40
CA VAL A 414 -11.00 33.50 26.65
C VAL A 414 -10.17 32.83 27.74
N ILE A 415 -10.14 31.50 27.77
CA ILE A 415 -9.34 30.80 28.78
C ILE A 415 -7.86 31.10 28.59
N VAL A 416 -7.36 30.94 27.36
CA VAL A 416 -5.94 31.18 27.09
C VAL A 416 -5.58 32.63 27.39
N ALA A 417 -6.50 33.56 27.13
CA ALA A 417 -6.24 34.95 27.46
C ALA A 417 -6.17 35.16 28.97
N LYS A 418 -7.15 34.63 29.70
CA LYS A 418 -7.25 34.89 31.13
C LYS A 418 -6.17 34.16 31.92
N THR A 419 -5.57 33.11 31.37
CA THR A 419 -4.40 32.52 32.00
C THR A 419 -3.11 33.17 31.53
N GLU A 420 -3.21 34.31 30.84
CA GLU A 420 -2.04 35.03 30.37
C GLU A 420 -2.14 36.54 30.61
N LYS A 421 -3.25 37.02 31.17
CA LYS A 421 -3.43 38.42 31.50
C LYS A 421 -3.32 39.31 30.25
N GLU A 422 -4.21 39.04 29.29
CA GLU A 422 -4.31 39.88 28.11
C GLU A 422 -5.76 40.16 27.73
N LEU A 423 -6.69 39.98 28.66
CA LEU A 423 -8.09 40.34 28.46
C LEU A 423 -8.49 41.31 29.57
N ASP A 424 -8.86 42.53 29.18
CA ASP A 424 -9.11 43.57 30.15
C ASP A 424 -10.34 43.25 30.99
N GLU A 425 -10.32 43.71 32.24
CA GLU A 425 -11.43 43.50 33.15
C GLU A 425 -12.57 44.49 32.93
N SER A 426 -12.33 45.57 32.18
CA SER A 426 -13.36 46.59 31.98
C SER A 426 -14.58 46.04 31.25
N LYS A 427 -14.46 44.89 30.58
CA LYS A 427 -15.59 44.32 29.87
C LYS A 427 -16.33 43.27 30.68
N TRP A 428 -15.69 42.68 31.70
CA TRP A 428 -16.30 41.60 32.48
C TRP A 428 -16.85 42.10 33.82
N ILE A 429 -16.00 42.71 34.64
CA ILE A 429 -16.42 43.13 35.96
C ILE A 429 -17.44 44.26 35.85
N SER A 430 -18.48 44.20 36.68
CA SER A 430 -19.53 45.21 36.68
C SER A 430 -19.41 46.13 37.89
N LEU B 5 11.84 20.47 34.92
CA LEU B 5 13.15 19.83 35.04
C LEU B 5 13.20 18.53 34.24
N LEU B 6 12.18 18.32 33.41
CA LEU B 6 12.11 17.13 32.55
C LEU B 6 13.06 17.29 31.37
N ARG B 7 13.40 18.53 31.03
CA ARG B 7 14.18 18.80 29.83
C ARG B 7 15.58 18.19 29.91
N ARG B 8 16.12 18.05 31.13
CA ARG B 8 17.45 17.47 31.29
C ARG B 8 17.50 16.06 30.72
N TYR B 9 16.39 15.33 30.78
CA TYR B 9 16.29 14.02 30.16
C TYR B 9 16.41 14.15 28.65
N LEU B 10 15.58 14.99 28.04
CA LEU B 10 15.62 15.21 26.60
C LEU B 10 16.85 15.99 26.15
N ASP B 11 17.58 16.62 27.06
CA ASP B 11 18.80 17.36 26.73
C ASP B 11 20.05 16.61 27.17
N TYR B 12 19.94 15.29 27.30
CA TYR B 12 21.08 14.44 27.64
C TYR B 12 21.65 13.82 26.38
N PRO B 13 22.94 13.98 26.12
CA PRO B 13 23.54 13.36 24.92
C PRO B 13 23.41 11.84 24.97
N VAL B 14 22.94 11.27 23.86
CA VAL B 14 22.52 9.86 23.86
C VAL B 14 23.68 8.89 23.65
N LEU B 15 24.92 9.38 23.54
CA LEU B 15 26.04 8.45 23.36
C LEU B 15 26.23 7.57 24.60
N TRP B 16 26.56 8.18 25.75
CA TRP B 16 26.61 7.47 27.01
C TRP B 16 25.29 7.62 27.78
N LYS B 17 24.19 7.33 27.10
CA LYS B 17 22.87 7.37 27.72
C LYS B 17 22.11 6.09 27.37
N ILE B 18 22.47 5.50 26.23
CA ILE B 18 21.94 4.18 25.89
C ILE B 18 22.59 3.11 26.76
N LEU B 19 23.92 3.13 26.85
CA LEU B 19 24.65 2.12 27.61
C LEU B 19 24.17 2.06 29.05
N TRP B 20 23.85 3.20 29.66
CA TRP B 20 23.33 3.18 31.02
C TRP B 20 21.95 2.57 31.07
N GLY B 21 21.10 2.91 30.11
CA GLY B 21 19.80 2.27 30.03
C GLY B 21 19.90 0.77 29.87
N LEU B 22 20.77 0.32 28.97
CA LEU B 22 20.95 -1.11 28.74
C LEU B 22 21.47 -1.82 29.99
N VAL B 23 22.47 -1.25 30.64
CA VAL B 23 23.07 -1.93 31.79
C VAL B 23 22.11 -1.95 32.97
N LEU B 24 21.41 -0.84 33.21
CA LEU B 24 20.42 -0.84 34.28
C LEU B 24 19.26 -1.78 33.97
N GLY B 25 18.88 -1.92 32.70
CA GLY B 25 17.86 -2.88 32.35
C GLY B 25 18.32 -4.31 32.56
N ALA B 26 19.57 -4.60 32.23
CA ALA B 26 20.11 -5.94 32.47
C ALA B 26 20.12 -6.24 33.96
N VAL B 27 20.60 -5.30 34.78
CA VAL B 27 20.62 -5.51 36.22
C VAL B 27 19.21 -5.71 36.77
N PHE B 28 18.27 -4.87 36.36
CA PHE B 28 16.89 -4.98 36.86
C PHE B 28 16.27 -6.30 36.43
N GLY B 29 16.45 -6.70 35.17
CA GLY B 29 15.89 -7.96 34.72
C GLY B 29 16.51 -9.15 35.43
N LEU B 30 17.80 -9.09 35.75
CA LEU B 30 18.43 -10.21 36.41
C LEU B 30 18.05 -10.28 37.89
N ILE B 31 17.81 -9.13 38.52
CA ILE B 31 17.39 -9.15 39.92
C ILE B 31 15.89 -9.31 40.08
N ALA B 32 15.12 -9.22 39.00
CA ALA B 32 13.69 -9.49 39.05
C ALA B 32 13.36 -10.92 38.62
N GLY B 33 13.80 -11.32 37.44
CA GLY B 33 13.54 -12.66 36.94
C GLY B 33 14.21 -13.77 37.72
N HIS B 34 15.02 -13.43 38.72
CA HIS B 34 15.63 -14.43 39.58
C HIS B 34 14.86 -14.65 40.87
N PHE B 35 13.84 -13.84 41.14
CA PHE B 35 13.00 -14.01 42.32
C PHE B 35 11.57 -14.39 41.95
N GLY B 36 11.36 -14.89 40.73
CA GLY B 36 10.03 -15.24 40.28
C GLY B 36 9.15 -14.03 40.08
N TYR B 37 9.54 -13.14 39.15
CA TYR B 37 8.77 -11.93 38.91
C TYR B 37 8.68 -11.58 37.43
N ALA B 38 8.92 -12.54 36.54
CA ALA B 38 8.90 -12.25 35.12
C ALA B 38 7.50 -11.86 34.64
N GLY B 39 6.46 -12.29 35.36
CA GLY B 39 5.11 -11.98 34.94
C GLY B 39 4.80 -10.50 34.99
N ALA B 40 5.13 -9.86 36.11
CA ALA B 40 4.93 -8.42 36.21
C ALA B 40 5.76 -7.67 35.17
N VAL B 41 6.95 -8.16 34.86
CA VAL B 41 7.78 -7.51 33.84
C VAL B 41 7.11 -7.61 32.48
N LYS B 42 6.64 -8.80 32.11
CA LYS B 42 6.01 -8.97 30.80
C LYS B 42 4.67 -8.27 30.71
N THR B 43 3.99 -8.04 31.83
CA THR B 43 2.68 -7.41 31.78
C THR B 43 2.75 -5.89 31.87
N TYR B 44 3.74 -5.34 32.58
CA TYR B 44 3.78 -3.91 32.84
C TYR B 44 4.99 -3.19 32.27
N ILE B 45 6.10 -3.89 32.00
CA ILE B 45 7.31 -3.24 31.49
C ILE B 45 7.42 -3.45 29.99
N LYS B 46 7.31 -4.71 29.55
CA LYS B 46 7.55 -5.03 28.14
C LYS B 46 6.67 -4.27 27.14
N PRO B 47 5.47 -3.80 27.48
CA PRO B 47 4.75 -2.93 26.52
C PRO B 47 5.57 -1.76 26.03
N PHE B 48 6.40 -1.15 26.88
CA PHE B 48 7.26 -0.06 26.41
C PHE B 48 8.26 -0.56 25.39
N GLY B 49 8.82 -1.75 25.62
CA GLY B 49 9.74 -2.32 24.65
C GLY B 49 9.09 -2.60 23.32
N ASP B 50 7.87 -3.15 23.34
CA ASP B 50 7.19 -3.42 22.09
C ASP B 50 6.80 -2.13 21.37
N LEU B 51 6.43 -1.11 22.13
CA LEU B 51 6.13 0.19 21.53
C LEU B 51 7.37 0.77 20.87
N PHE B 52 8.54 0.61 21.49
CA PHE B 52 9.76 1.12 20.88
C PHE B 52 10.13 0.34 19.63
N VAL B 53 9.98 -0.99 19.67
CA VAL B 53 10.23 -1.80 18.47
C VAL B 53 9.33 -1.38 17.33
N ARG B 54 8.05 -1.13 17.62
CA ARG B 54 7.13 -0.72 16.57
C ARG B 54 7.42 0.70 16.08
N LEU B 55 7.82 1.59 16.99
CA LEU B 55 8.21 2.93 16.58
C LEU B 55 9.41 2.91 15.64
N LEU B 56 10.32 1.96 15.84
CA LEU B 56 11.45 1.85 14.92
C LEU B 56 11.03 1.18 13.61
N LYS B 57 10.18 0.16 13.68
CA LYS B 57 9.75 -0.53 12.46
C LYS B 57 8.87 0.35 11.60
N MET B 58 8.21 1.35 12.18
CA MET B 58 7.37 2.25 11.40
C MET B 58 8.13 2.99 10.32
N LEU B 59 9.43 3.23 10.52
CA LEU B 59 10.21 4.07 9.62
C LEU B 59 10.97 3.31 8.56
N VAL B 60 11.08 1.98 8.65
CA VAL B 60 12.05 1.25 7.85
C VAL B 60 11.72 1.37 6.36
N MET B 61 10.45 1.35 6.00
CA MET B 61 10.09 1.37 4.58
C MET B 61 10.15 2.77 3.98
N PRO B 62 9.55 3.79 4.61
CA PRO B 62 9.70 5.14 4.04
C PRO B 62 11.14 5.61 3.99
N ILE B 63 11.92 5.30 5.04
CA ILE B 63 13.31 5.73 5.06
C ILE B 63 14.10 5.05 3.94
N VAL B 64 13.89 3.75 3.73
CA VAL B 64 14.65 3.06 2.70
C VAL B 64 14.25 3.56 1.32
N LEU B 65 12.94 3.68 1.06
CA LEU B 65 12.50 4.14 -0.25
C LEU B 65 13.02 5.53 -0.55
N ALA B 66 12.76 6.49 0.34
CA ALA B 66 13.12 7.87 0.07
C ALA B 66 14.63 8.05 0.00
N SER B 67 15.37 7.55 1.00
CA SER B 67 16.81 7.74 1.02
C SER B 67 17.47 7.04 -0.15
N LEU B 68 16.99 5.85 -0.53
CA LEU B 68 17.59 5.15 -1.64
C LEU B 68 17.34 5.87 -2.95
N VAL B 69 16.14 6.43 -3.14
CA VAL B 69 15.88 7.19 -4.36
C VAL B 69 16.78 8.41 -4.42
N VAL B 70 16.85 9.16 -3.31
CA VAL B 70 17.67 10.37 -3.30
C VAL B 70 19.14 10.04 -3.52
N GLY B 71 19.59 8.89 -3.02
CA GLY B 71 20.96 8.49 -3.22
C GLY B 71 21.27 8.06 -4.63
N ALA B 72 20.56 7.03 -5.12
CA ALA B 72 20.79 6.55 -6.47
C ALA B 72 20.60 7.66 -7.50
N ALA B 73 19.70 8.60 -7.25
CA ALA B 73 19.53 9.74 -8.13
C ALA B 73 20.60 10.80 -7.97
N SER B 74 21.61 10.55 -7.14
CA SER B 74 22.73 11.45 -6.94
C SER B 74 24.05 10.68 -7.08
N ILE B 75 24.10 9.75 -8.03
CA ILE B 75 25.27 8.91 -8.23
C ILE B 75 25.23 8.39 -9.66
N SER B 76 26.39 8.37 -10.31
CA SER B 76 26.48 7.84 -11.65
C SER B 76 26.30 6.32 -11.63
N PRO B 77 25.53 5.76 -12.56
CA PRO B 77 25.27 4.32 -12.52
C PRO B 77 26.52 3.45 -12.51
N ALA B 78 27.64 3.94 -13.05
CA ALA B 78 28.88 3.16 -12.99
C ALA B 78 29.37 3.03 -11.56
N ARG B 79 29.39 4.15 -10.82
CA ARG B 79 29.76 4.10 -9.42
C ARG B 79 28.79 3.23 -8.64
N LEU B 80 27.50 3.30 -8.98
CA LEU B 80 26.52 2.46 -8.30
C LEU B 80 26.78 0.99 -8.54
N GLY B 81 27.15 0.61 -9.76
CA GLY B 81 27.42 -0.78 -10.04
C GLY B 81 28.68 -1.28 -9.35
N ARG B 82 29.75 -0.47 -9.39
CA ARG B 82 30.98 -0.90 -8.72
C ARG B 82 30.79 -1.00 -7.21
N VAL B 83 30.01 -0.08 -6.64
CA VAL B 83 29.70 -0.17 -5.21
C VAL B 83 28.88 -1.41 -4.92
N GLY B 84 27.89 -1.71 -5.76
CA GLY B 84 27.10 -2.91 -5.56
C GLY B 84 27.95 -4.17 -5.56
N VAL B 85 28.83 -4.31 -6.56
CA VAL B 85 29.61 -5.54 -6.65
C VAL B 85 30.64 -5.62 -5.52
N LYS B 86 31.23 -4.48 -5.15
CA LYS B 86 32.18 -4.48 -4.05
C LYS B 86 31.51 -4.89 -2.74
N ILE B 87 30.34 -4.30 -2.45
CA ILE B 87 29.69 -4.63 -1.19
C ILE B 87 29.15 -6.05 -1.22
N VAL B 88 28.80 -6.59 -2.40
CA VAL B 88 28.30 -7.96 -2.45
C VAL B 88 29.42 -8.94 -2.16
N VAL B 89 30.58 -8.76 -2.81
CA VAL B 89 31.69 -9.67 -2.51
C VAL B 89 32.13 -9.51 -1.07
N TYR B 90 32.07 -8.28 -0.54
CA TYR B 90 32.39 -8.08 0.88
C TYR B 90 31.43 -8.86 1.76
N TYR B 91 30.13 -8.83 1.44
CA TYR B 91 29.13 -9.51 2.26
C TYR B 91 29.37 -11.01 2.26
N LEU B 92 29.62 -11.58 1.09
CA LEU B 92 29.90 -13.02 1.01
C LEU B 92 31.13 -13.38 1.82
N ALA B 93 32.21 -12.60 1.67
CA ALA B 93 33.43 -12.89 2.41
C ALA B 93 33.20 -12.81 3.92
N THR B 94 32.44 -11.81 4.37
CA THR B 94 32.21 -11.65 5.80
C THR B 94 31.35 -12.78 6.35
N SER B 95 30.32 -13.20 5.62
CA SER B 95 29.52 -14.34 6.08
C SER B 95 30.36 -15.61 6.16
N ALA B 96 31.23 -15.83 5.17
CA ALA B 96 32.10 -16.99 5.19
C ALA B 96 33.01 -16.98 6.41
N MET B 97 33.68 -15.84 6.65
CA MET B 97 34.56 -15.75 7.80
C MET B 97 33.81 -15.88 9.11
N ALA B 98 32.55 -15.40 9.15
CA ALA B 98 31.76 -15.52 10.38
C ALA B 98 31.43 -16.97 10.67
N VAL B 99 31.06 -17.75 9.64
CA VAL B 99 30.80 -19.17 9.86
C VAL B 99 32.09 -19.88 10.25
N PHE B 100 33.21 -19.47 9.64
CA PHE B 100 34.51 -20.03 10.01
C PHE B 100 34.78 -19.83 11.49
N PHE B 101 34.62 -18.60 11.98
CA PHE B 101 34.82 -18.31 13.39
C PHE B 101 33.83 -19.09 14.25
N GLY B 102 32.59 -19.21 13.81
CA GLY B 102 31.61 -19.95 14.58
C GLY B 102 32.02 -21.41 14.77
N LEU B 103 32.44 -22.06 13.69
CA LEU B 103 32.87 -23.45 13.79
C LEU B 103 34.12 -23.57 14.66
N ILE B 104 35.07 -22.66 14.49
CA ILE B 104 36.31 -22.72 15.28
C ILE B 104 35.99 -22.60 16.76
N VAL B 105 35.13 -21.65 17.13
CA VAL B 105 34.79 -21.46 18.53
C VAL B 105 34.02 -22.65 19.06
N GLY B 106 33.05 -23.14 18.30
CA GLY B 106 32.26 -24.29 18.75
C GLY B 106 33.12 -25.51 19.00
N ARG B 107 34.09 -25.77 18.13
CA ARG B 107 35.00 -26.89 18.37
C ARG B 107 35.89 -26.61 19.57
N LEU B 108 36.37 -25.37 19.70
CA LEU B 108 37.26 -25.01 20.80
C LEU B 108 36.54 -25.11 22.15
N PHE B 109 35.42 -24.41 22.29
CA PHE B 109 34.71 -24.35 23.56
C PHE B 109 34.03 -25.67 23.92
N ASN B 110 34.05 -26.66 23.04
CA ASN B 110 33.43 -27.96 23.29
C ASN B 110 31.96 -27.79 23.67
N VAL B 111 31.24 -27.08 22.81
CA VAL B 111 29.84 -26.79 23.07
C VAL B 111 29.02 -28.06 22.88
N GLY B 112 28.21 -28.39 23.90
CA GLY B 112 27.40 -29.59 23.85
C GLY B 112 28.16 -30.83 24.26
N ALA B 113 28.87 -30.75 25.39
CA ALA B 113 29.66 -31.90 25.86
C ALA B 113 28.75 -33.07 26.19
N ASN B 114 27.79 -32.86 27.11
CA ASN B 114 26.78 -33.85 27.43
C ASN B 114 25.45 -33.10 27.56
N VAL B 115 24.73 -32.98 26.45
CA VAL B 115 23.51 -32.18 26.43
C VAL B 115 22.43 -32.84 27.26
N ASN B 116 22.43 -34.17 27.35
CA ASN B 116 21.45 -34.92 28.14
C ASN B 116 20.02 -34.53 27.74
N LEU B 117 19.73 -34.71 26.46
CA LEU B 117 18.41 -34.41 25.96
C LEU B 117 17.38 -35.39 26.52
N GLY B 118 16.12 -34.98 26.50
CA GLY B 118 15.02 -35.77 27.06
C GLY B 118 14.28 -36.53 25.99
N SER B 119 12.96 -36.56 26.12
CA SER B 119 12.10 -37.26 25.18
C SER B 119 10.86 -36.41 24.92
N GLY B 120 10.58 -36.16 23.64
CA GLY B 120 9.43 -35.35 23.28
C GLY B 120 9.40 -34.97 21.81
N THR B 121 8.26 -34.47 21.34
CA THR B 121 8.12 -34.07 19.95
C THR B 121 8.88 -32.77 19.70
N GLY B 122 10.16 -32.88 19.40
CA GLY B 122 11.01 -31.70 19.26
C GLY B 122 10.53 -30.76 18.17
N LYS B 123 11.07 -29.55 18.22
CA LYS B 123 10.73 -28.53 17.24
C LYS B 123 11.45 -28.83 15.93
N ALA B 124 10.69 -28.85 14.84
CA ALA B 124 11.24 -29.06 13.50
C ALA B 124 10.58 -28.11 12.53
N ILE B 125 11.34 -27.69 11.53
CA ILE B 125 10.85 -26.81 10.48
C ILE B 125 11.17 -27.46 9.14
N GLU B 126 10.17 -27.57 8.28
CA GLU B 126 10.38 -28.06 6.93
C GLU B 126 11.25 -27.08 6.16
N ALA B 127 12.40 -27.55 5.67
CA ALA B 127 13.36 -26.69 5.01
C ALA B 127 12.75 -25.97 3.83
N GLN B 128 12.34 -26.73 2.80
CA GLN B 128 11.77 -26.21 1.57
C GLN B 128 12.55 -25.00 1.07
N PRO B 129 13.78 -25.20 0.60
CA PRO B 129 14.60 -24.07 0.16
C PRO B 129 14.04 -23.46 -1.11
N PRO B 130 13.69 -22.17 -1.09
CA PRO B 130 13.32 -21.50 -2.34
C PRO B 130 14.51 -21.49 -3.30
N SER B 131 14.22 -21.66 -4.58
CA SER B 131 15.29 -21.79 -5.56
C SER B 131 16.12 -20.51 -5.63
N LEU B 132 17.40 -20.67 -5.96
CA LEU B 132 18.29 -19.52 -6.05
C LEU B 132 17.86 -18.57 -7.17
N VAL B 133 17.66 -19.10 -8.38
CA VAL B 133 17.21 -18.27 -9.48
C VAL B 133 15.84 -17.70 -9.20
N GLN B 134 15.00 -18.43 -8.47
CA GLN B 134 13.70 -17.90 -8.09
C GLN B 134 13.86 -16.71 -7.16
N THR B 135 14.85 -16.75 -6.26
CA THR B 135 15.07 -15.63 -5.36
C THR B 135 15.66 -14.44 -6.12
N LEU B 136 16.56 -14.69 -7.06
CA LEU B 136 17.07 -13.59 -7.88
C LEU B 136 16.01 -13.02 -8.81
N LEU B 137 14.94 -13.78 -9.08
CA LEU B 137 13.80 -13.25 -9.81
C LEU B 137 12.82 -12.53 -8.90
N ASN B 138 12.78 -12.88 -7.62
CA ASN B 138 11.89 -12.20 -6.69
C ASN B 138 12.42 -10.84 -6.29
N ILE B 139 13.69 -10.54 -6.56
CA ILE B 139 14.22 -9.20 -6.29
C ILE B 139 13.51 -8.18 -7.15
N VAL B 140 13.13 -8.55 -8.36
CA VAL B 140 12.33 -7.67 -9.22
C VAL B 140 10.89 -7.67 -8.72
N PRO B 141 10.31 -6.51 -8.41
CA PRO B 141 8.95 -6.49 -7.87
C PRO B 141 7.91 -6.55 -8.98
N THR B 142 7.00 -7.52 -8.87
CA THR B 142 5.87 -7.56 -9.79
C THR B 142 4.93 -6.39 -9.57
N ASN B 143 5.00 -5.76 -8.41
CA ASN B 143 4.26 -4.54 -8.10
C ASN B 143 5.02 -3.76 -7.04
N PRO B 144 5.47 -2.54 -7.34
CA PRO B 144 6.24 -1.80 -6.33
C PRO B 144 5.40 -1.38 -5.14
N PHE B 145 4.13 -1.05 -5.34
CA PHE B 145 3.27 -0.70 -4.21
C PHE B 145 2.95 -1.93 -3.37
N ALA B 146 2.82 -3.09 -3.99
CA ALA B 146 2.59 -4.31 -3.21
C ALA B 146 3.85 -4.74 -2.48
N SER B 147 5.02 -4.42 -3.02
CA SER B 147 6.27 -4.68 -2.33
C SER B 147 6.56 -3.65 -1.24
N LEU B 148 5.91 -2.49 -1.30
CA LEU B 148 5.94 -1.56 -0.18
C LEU B 148 4.97 -1.98 0.91
N ALA B 149 3.77 -2.42 0.53
CA ALA B 149 2.72 -2.79 1.47
C ALA B 149 2.88 -4.20 2.01
N LYS B 150 4.06 -4.81 1.88
CA LYS B 150 4.32 -6.13 2.41
C LYS B 150 5.58 -6.20 3.26
N GLY B 151 6.31 -5.10 3.39
CA GLY B 151 7.52 -5.09 4.20
C GLY B 151 8.71 -5.75 3.56
N GLU B 152 8.68 -6.01 2.26
CA GLU B 152 9.84 -6.58 1.58
C GLU B 152 10.83 -5.48 1.24
N VAL B 153 12.11 -5.73 1.53
CA VAL B 153 13.12 -4.70 1.49
C VAL B 153 13.90 -4.74 0.17
N LEU B 154 14.07 -5.93 -0.38
CA LEU B 154 14.87 -6.05 -1.59
C LEU B 154 14.12 -5.58 -2.84
N PRO B 155 12.86 -5.97 -3.05
CA PRO B 155 12.13 -5.41 -4.21
C PRO B 155 12.04 -3.90 -4.19
N VAL B 156 11.82 -3.30 -3.02
CA VAL B 156 11.75 -1.85 -2.96
C VAL B 156 13.12 -1.23 -3.17
N ILE B 157 14.19 -1.95 -2.80
CA ILE B 157 15.53 -1.47 -3.13
C ILE B 157 15.72 -1.42 -4.64
N PHE B 158 15.35 -2.49 -5.32
CA PHE B 158 15.48 -2.52 -6.78
C PHE B 158 14.69 -1.38 -7.42
N PHE B 159 13.43 -1.23 -7.01
CA PHE B 159 12.60 -0.21 -7.64
C PHE B 159 13.10 1.20 -7.32
N ALA B 160 13.55 1.43 -6.09
CA ALA B 160 14.04 2.76 -5.73
C ALA B 160 15.32 3.10 -6.49
N ILE B 161 16.21 2.14 -6.66
CA ILE B 161 17.42 2.38 -7.43
C ILE B 161 17.08 2.70 -8.87
N ILE B 162 16.18 1.92 -9.46
CA ILE B 162 15.81 2.15 -10.86
C ILE B 162 15.16 3.51 -11.02
N LEU B 163 14.28 3.89 -10.09
CA LEU B 163 13.63 5.19 -10.17
C LEU B 163 14.63 6.32 -9.99
N GLY B 164 15.62 6.15 -9.11
CA GLY B 164 16.63 7.18 -8.94
C GLY B 164 17.46 7.37 -10.19
N ILE B 165 17.87 6.27 -10.83
CA ILE B 165 18.65 6.38 -12.05
C ILE B 165 17.82 7.06 -13.15
N ALA B 166 16.55 6.70 -13.26
CA ALA B 166 15.69 7.34 -14.25
C ALA B 166 15.51 8.82 -13.95
N ILE B 167 15.44 9.18 -12.67
CA ILE B 167 15.22 10.58 -12.30
C ILE B 167 16.45 11.41 -12.63
N THR B 168 17.65 10.87 -12.37
CA THR B 168 18.84 11.64 -12.75
C THR B 168 19.00 11.71 -14.26
N TYR B 169 18.59 10.66 -14.99
CA TYR B 169 18.60 10.74 -16.44
C TYR B 169 17.63 11.80 -16.93
N LEU B 170 16.51 11.99 -16.22
CA LEU B 170 15.58 13.05 -16.56
C LEU B 170 16.21 14.42 -16.29
N MET B 171 16.71 14.64 -15.07
CA MET B 171 17.36 15.90 -14.75
C MET B 171 18.57 16.17 -15.62
N ASN B 172 19.03 15.19 -16.40
CA ASN B 172 20.02 15.44 -17.44
C ASN B 172 19.39 15.81 -18.79
N ARG B 173 18.07 15.73 -18.92
CA ARG B 173 17.42 15.95 -20.20
C ARG B 173 17.44 17.44 -20.55
N ASN B 174 16.77 17.79 -21.65
CA ASN B 174 16.82 19.14 -22.19
C ASN B 174 15.51 19.91 -22.10
N GLU B 175 14.37 19.23 -22.13
CA GLU B 175 13.07 19.88 -22.07
C GLU B 175 12.85 20.41 -20.66
N GLU B 176 12.33 21.64 -20.57
CA GLU B 176 12.20 22.28 -19.26
C GLU B 176 11.14 21.59 -18.41
N ARG B 177 10.03 21.19 -19.03
CA ARG B 177 8.94 20.59 -18.26
C ARG B 177 9.38 19.31 -17.58
N VAL B 178 10.03 18.41 -18.33
CA VAL B 178 10.41 17.12 -17.76
C VAL B 178 11.52 17.29 -16.73
N ARG B 179 12.43 18.22 -16.95
CA ARG B 179 13.49 18.44 -15.97
C ARG B 179 12.92 19.01 -14.68
N LYS B 180 12.00 19.97 -14.77
CA LYS B 180 11.37 20.50 -13.56
C LYS B 180 10.55 19.44 -12.85
N SER B 181 9.88 18.56 -13.60
CA SER B 181 9.10 17.51 -12.96
C SER B 181 9.99 16.51 -12.24
N ALA B 182 11.12 16.14 -12.85
CA ALA B 182 12.07 15.26 -12.17
C ALA B 182 12.62 15.91 -10.92
N GLU B 183 12.97 17.20 -11.00
CA GLU B 183 13.47 17.90 -9.82
C GLU B 183 12.42 17.93 -8.72
N THR B 184 11.14 18.11 -9.08
CA THR B 184 10.09 18.16 -8.06
C THR B 184 9.89 16.79 -7.41
N LEU B 185 9.92 15.72 -8.20
CA LEU B 185 9.81 14.38 -7.62
C LEU B 185 10.98 14.10 -6.69
N LEU B 186 12.19 14.50 -7.10
CA LEU B 186 13.34 14.29 -6.24
C LEU B 186 13.25 15.13 -4.97
N ARG B 187 12.66 16.32 -5.05
CA ARG B 187 12.51 17.14 -3.86
C ARG B 187 11.49 16.53 -2.91
N VAL B 188 10.43 15.94 -3.45
CA VAL B 188 9.48 15.21 -2.62
C VAL B 188 10.18 14.09 -1.87
N PHE B 189 10.93 13.26 -2.60
CA PHE B 189 11.60 12.14 -1.95
C PHE B 189 12.67 12.61 -0.97
N ASP B 190 13.34 13.73 -1.25
CA ASP B 190 14.33 14.27 -0.33
C ASP B 190 13.67 14.74 0.96
N GLY B 191 12.57 15.47 0.85
CA GLY B 191 11.84 15.90 2.03
C GLY B 191 11.36 14.72 2.85
N LEU B 192 10.90 13.67 2.18
CA LEU B 192 10.45 12.48 2.91
C LEU B 192 11.61 11.83 3.65
N ALA B 193 12.76 11.68 2.99
CA ALA B 193 13.91 11.06 3.65
C ALA B 193 14.37 11.88 4.85
N GLU B 194 14.39 13.21 4.72
CA GLU B 194 14.87 14.03 5.82
C GLU B 194 13.86 14.07 6.96
N ALA B 195 12.57 14.10 6.66
CA ALA B 195 11.58 14.00 7.72
C ALA B 195 11.70 12.67 8.46
N MET B 196 11.99 11.59 7.73
CA MET B 196 12.19 10.30 8.39
C MET B 196 13.44 10.32 9.26
N TYR B 197 14.50 10.98 8.81
CA TYR B 197 15.70 11.10 9.65
C TYR B 197 15.40 11.87 10.92
N LEU B 198 14.55 12.90 10.83
CA LEU B 198 14.20 13.66 12.02
C LEU B 198 13.36 12.81 12.99
N ILE B 199 12.40 12.06 12.45
CA ILE B 199 11.62 11.18 13.31
C ILE B 199 12.52 10.14 13.97
N VAL B 200 13.56 9.69 13.26
CA VAL B 200 14.52 8.76 13.86
C VAL B 200 15.28 9.45 14.98
N GLY B 201 15.61 10.74 14.80
CA GLY B 201 16.22 11.49 15.88
C GLY B 201 15.35 11.53 17.11
N GLY B 202 14.05 11.76 16.93
CA GLY B 202 13.14 11.76 18.06
C GLY B 202 13.00 10.39 18.72
N VAL B 203 12.88 9.34 17.91
CA VAL B 203 12.75 7.99 18.46
C VAL B 203 14.02 7.62 19.23
N MET B 204 15.18 8.00 18.72
CA MET B 204 16.41 7.71 19.45
C MET B 204 16.57 8.60 20.68
N GLN B 205 15.91 9.76 20.71
CA GLN B 205 15.83 10.51 21.96
C GLN B 205 15.00 9.77 22.98
N TYR B 206 13.96 9.06 22.54
CA TYR B 206 13.15 8.24 23.44
C TYR B 206 13.79 6.88 23.74
N ALA B 207 14.77 6.47 22.95
CA ALA B 207 15.22 5.09 22.95
C ALA B 207 15.72 4.53 24.28
N PRO B 208 16.34 5.28 25.19
CA PRO B 208 16.81 4.65 26.43
C PRO B 208 15.72 3.92 27.21
N ILE B 209 14.50 4.46 27.26
CA ILE B 209 13.42 3.79 27.98
C ILE B 209 13.11 2.45 27.32
N GLY B 210 12.95 2.46 25.99
CA GLY B 210 12.65 1.22 25.30
C GLY B 210 13.74 0.18 25.43
N VAL B 211 15.00 0.63 25.36
CA VAL B 211 16.12 -0.30 25.51
C VAL B 211 16.12 -0.90 26.90
N PHE B 212 15.91 -0.07 27.93
CA PHE B 212 15.81 -0.57 29.29
C PHE B 212 14.74 -1.64 29.39
N ALA B 213 13.53 -1.33 28.91
CA ALA B 213 12.41 -2.27 29.05
C ALA B 213 12.69 -3.57 28.31
N LEU B 214 13.20 -3.47 27.09
CA LEU B 214 13.44 -4.66 26.28
C LEU B 214 14.50 -5.55 26.90
N ILE B 215 15.66 -4.98 27.23
CA ILE B 215 16.72 -5.80 27.81
C ILE B 215 16.30 -6.34 29.16
N ALA B 216 15.49 -5.59 29.92
CA ALA B 216 15.03 -6.07 31.21
C ALA B 216 14.15 -7.30 31.04
N TYR B 217 13.17 -7.23 30.13
CA TYR B 217 12.32 -8.39 29.91
C TYR B 217 13.12 -9.58 29.40
N VAL B 218 14.06 -9.34 28.47
CA VAL B 218 14.77 -10.46 27.87
C VAL B 218 15.68 -11.14 28.89
N MET B 219 16.45 -10.35 29.66
CA MET B 219 17.31 -10.93 30.68
C MET B 219 16.53 -11.41 31.89
N ALA B 220 15.25 -11.08 32.01
CA ALA B 220 14.45 -11.59 33.11
C ALA B 220 13.80 -12.93 32.77
N GLU B 221 13.21 -13.03 31.58
CA GLU B 221 12.57 -14.29 31.18
C GLU B 221 13.59 -15.40 31.03
N GLN B 222 14.66 -15.15 30.27
CA GLN B 222 15.66 -16.15 29.97
C GLN B 222 16.91 -16.03 30.82
N GLY B 223 16.84 -15.27 31.92
CA GLY B 223 17.97 -15.16 32.82
C GLY B 223 18.20 -16.37 33.69
N VAL B 224 17.34 -17.38 33.58
CA VAL B 224 17.52 -18.62 34.32
C VAL B 224 17.60 -19.84 33.41
N ARG B 225 17.19 -19.74 32.15
CA ARG B 225 17.35 -20.84 31.20
C ARG B 225 18.78 -21.01 30.76
N VAL B 226 19.70 -20.22 31.27
CA VAL B 226 21.11 -20.28 30.90
C VAL B 226 21.80 -21.07 32.01
N VAL B 227 21.83 -22.39 31.86
CA VAL B 227 22.49 -23.30 32.79
C VAL B 227 23.07 -24.47 32.01
N GLY B 228 24.21 -24.97 32.47
CA GLY B 228 24.81 -26.17 31.91
C GLY B 228 25.14 -26.04 30.43
N PRO B 229 24.63 -26.98 29.63
CA PRO B 229 24.92 -26.95 28.19
C PRO B 229 24.41 -25.69 27.51
N LEU B 230 23.26 -25.17 27.92
CA LEU B 230 22.78 -23.92 27.35
C LEU B 230 23.71 -22.77 27.70
N ALA B 231 24.27 -22.78 28.92
CA ALA B 231 25.26 -21.79 29.27
C ALA B 231 26.50 -21.91 28.39
N LYS B 232 26.95 -23.14 28.14
CA LYS B 232 28.06 -23.34 27.21
C LYS B 232 27.75 -22.77 25.84
N VAL B 233 26.52 -23.00 25.36
CA VAL B 233 26.15 -22.51 24.03
C VAL B 233 26.18 -21.00 23.98
N VAL B 234 25.59 -20.34 24.99
CA VAL B 234 25.52 -18.89 24.96
C VAL B 234 26.92 -18.29 25.10
N GLY B 235 27.78 -18.92 25.91
CA GLY B 235 29.15 -18.45 26.01
C GLY B 235 29.90 -18.58 24.70
N ALA B 236 29.73 -19.72 24.02
CA ALA B 236 30.43 -19.92 22.76
C ALA B 236 29.92 -18.99 21.68
N VAL B 237 28.61 -18.75 21.63
CA VAL B 237 28.06 -17.83 20.64
C VAL B 237 28.57 -16.42 20.88
N TYR B 238 28.52 -15.95 22.13
CA TYR B 238 28.96 -14.58 22.39
C TYR B 238 30.47 -14.44 22.21
N THR B 239 31.24 -15.49 22.51
CA THR B 239 32.67 -15.43 22.25
C THR B 239 32.95 -15.36 20.75
N GLY B 240 32.23 -16.16 19.96
CA GLY B 240 32.39 -16.08 18.51
C GLY B 240 32.01 -14.73 17.96
N LEU B 241 30.97 -14.11 18.52
CA LEU B 241 30.54 -12.79 18.04
C LEU B 241 31.56 -11.72 18.41
N PHE B 242 32.05 -11.73 19.66
CA PHE B 242 33.08 -10.78 20.06
C PHE B 242 34.35 -10.99 19.26
N LEU B 243 34.68 -12.23 18.91
CA LEU B 243 35.87 -12.47 18.10
C LEU B 243 35.67 -12.06 16.64
N GLN B 244 34.44 -12.15 16.13
CA GLN B 244 34.17 -11.64 14.80
C GLN B 244 34.30 -10.13 14.77
N ILE B 245 33.79 -9.44 15.80
CA ILE B 245 33.85 -7.98 15.82
C ILE B 245 35.28 -7.51 16.08
N VAL B 246 36.04 -8.26 16.87
CA VAL B 246 37.37 -7.80 17.27
C VAL B 246 38.48 -8.28 16.34
N ILE B 247 38.22 -9.25 15.47
CA ILE B 247 39.22 -9.76 14.53
C ILE B 247 38.88 -9.37 13.10
N THR B 248 37.74 -9.83 12.59
CA THR B 248 37.44 -9.65 11.17
C THR B 248 37.17 -8.18 10.85
N TYR B 249 36.23 -7.56 11.57
CA TYR B 249 35.90 -6.18 11.27
C TYR B 249 37.04 -5.24 11.63
N PHE B 250 37.70 -5.50 12.77
CA PHE B 250 38.83 -4.65 13.14
C PHE B 250 39.94 -4.71 12.10
N ILE B 251 40.30 -5.92 11.65
CA ILE B 251 41.38 -6.05 10.68
C ILE B 251 40.95 -5.50 9.33
N LEU B 252 39.68 -5.69 8.96
CA LEU B 252 39.23 -5.19 7.67
C LEU B 252 39.16 -3.66 7.64
N LEU B 253 38.86 -3.03 8.79
CA LEU B 253 38.90 -1.58 8.84
C LEU B 253 40.33 -1.06 8.95
N LYS B 254 41.21 -1.80 9.64
CA LYS B 254 42.60 -1.39 9.78
C LYS B 254 43.40 -1.58 8.50
N VAL B 255 42.97 -2.47 7.61
CA VAL B 255 43.67 -2.65 6.34
C VAL B 255 43.25 -1.61 5.32
N PHE B 256 42.08 -1.01 5.47
CA PHE B 256 41.63 0.06 4.58
C PHE B 256 41.76 1.44 5.21
N GLY B 257 42.39 1.53 6.39
CA GLY B 257 42.72 2.79 7.01
C GLY B 257 41.77 3.22 8.11
N ILE B 258 40.52 2.79 8.06
CA ILE B 258 39.53 3.24 9.03
C ILE B 258 39.94 2.81 10.43
N ASP B 259 40.06 3.76 11.34
CA ASP B 259 40.46 3.46 12.71
C ASP B 259 39.36 2.64 13.38
N PRO B 260 39.65 1.46 13.91
CA PRO B 260 38.61 0.59 14.45
C PRO B 260 37.95 1.14 15.70
N ILE B 261 38.77 1.58 16.66
CA ILE B 261 38.23 2.08 17.93
C ILE B 261 37.31 3.27 17.68
N LYS B 262 37.66 4.13 16.73
CA LYS B 262 36.81 5.26 16.40
C LYS B 262 35.49 4.79 15.80
N PHE B 263 35.54 3.82 14.88
CA PHE B 263 34.31 3.32 14.29
C PHE B 263 33.40 2.70 15.33
N ILE B 264 33.97 2.01 16.32
CA ILE B 264 33.15 1.40 17.36
C ILE B 264 32.57 2.47 18.28
N ARG B 265 33.38 3.44 18.68
CA ARG B 265 32.88 4.55 19.49
C ARG B 265 31.77 5.30 18.79
N LYS B 266 31.78 5.32 17.46
CA LYS B 266 30.74 6.03 16.72
C LYS B 266 29.52 5.17 16.42
N ALA B 267 29.69 3.85 16.29
CA ALA B 267 28.59 2.95 16.00
C ALA B 267 27.98 2.35 17.26
N LYS B 268 28.47 2.75 18.44
CA LYS B 268 27.79 2.37 19.69
C LYS B 268 26.36 2.88 19.76
N ASP B 269 25.95 3.78 18.87
CA ASP B 269 24.57 4.26 18.87
C ASP B 269 23.64 3.24 18.24
N ALA B 270 24.01 2.72 17.07
CA ALA B 270 23.20 1.71 16.38
C ALA B 270 23.61 0.28 16.72
N MET B 271 24.58 0.10 17.62
CA MET B 271 24.90 -1.25 18.07
C MET B 271 24.03 -1.69 19.25
N ILE B 272 23.84 -0.81 20.24
CA ILE B 272 23.03 -1.18 21.40
C ILE B 272 21.53 -1.08 21.09
N THR B 273 21.16 -0.53 19.95
CA THR B 273 19.76 -0.61 19.53
C THR B 273 19.48 -1.91 18.80
N ALA B 274 20.47 -2.44 18.06
CA ALA B 274 20.31 -3.74 17.44
C ALA B 274 20.40 -4.85 18.47
N PHE B 275 21.38 -4.78 19.36
CA PHE B 275 21.57 -5.81 20.38
C PHE B 275 20.33 -6.04 21.22
N VAL B 276 19.38 -5.12 21.20
CA VAL B 276 18.18 -5.19 22.02
C VAL B 276 16.93 -5.36 21.16
N THR B 277 16.90 -4.70 20.00
CA THR B 277 15.73 -4.78 19.13
C THR B 277 15.55 -6.18 18.55
N ARG B 278 16.66 -6.91 18.37
CA ARG B 278 16.63 -8.27 17.86
C ARG B 278 16.06 -8.34 16.45
N SER B 279 16.40 -7.36 15.63
CA SER B 279 15.98 -7.36 14.22
C SER B 279 16.88 -6.40 13.45
N SER B 280 17.55 -6.90 12.42
CA SER B 280 18.43 -6.05 11.63
C SER B 280 17.65 -5.08 10.77
N SER B 281 16.50 -5.49 10.24
CA SER B 281 15.63 -4.57 9.51
C SER B 281 14.86 -3.63 10.42
N GLY B 282 14.83 -3.91 11.72
CA GLY B 282 14.19 -3.02 12.66
C GLY B 282 14.99 -1.76 12.89
N THR B 283 16.26 -1.93 13.25
CA THR B 283 17.15 -0.82 13.53
C THR B 283 17.75 -0.20 12.28
N LEU B 284 17.20 -0.49 11.11
CA LEU B 284 17.67 0.16 9.89
C LEU B 284 17.61 1.68 9.95
N PRO B 285 16.56 2.30 10.51
CA PRO B 285 16.59 3.77 10.63
C PRO B 285 17.76 4.28 11.45
N VAL B 286 18.03 3.65 12.60
CA VAL B 286 19.10 4.12 13.47
C VAL B 286 20.46 3.97 12.79
N THR B 287 20.69 2.84 12.12
CA THR B 287 21.99 2.63 11.50
C THR B 287 22.17 3.50 10.26
N MET B 288 21.11 3.77 9.51
CA MET B 288 21.24 4.69 8.39
C MET B 288 21.52 6.11 8.89
N ARG B 289 20.82 6.54 9.96
CA ARG B 289 21.09 7.84 10.52
C ARG B 289 22.52 7.95 11.04
N VAL B 290 23.02 6.89 11.68
CA VAL B 290 24.37 6.94 12.25
C VAL B 290 25.41 6.92 11.15
N ALA B 291 25.17 6.16 10.08
CA ALA B 291 26.12 6.14 8.97
C ALA B 291 26.08 7.41 8.15
N GLU B 292 24.99 8.18 8.23
CA GLU B 292 24.96 9.44 7.51
C GLU B 292 25.52 10.60 8.34
N GLU B 293 25.21 10.64 9.63
CA GLU B 293 25.51 11.81 10.46
C GLU B 293 26.58 11.56 11.52
N GLU B 294 27.23 10.39 11.52
CA GLU B 294 28.35 10.17 12.41
C GLU B 294 29.54 9.51 11.72
N MET B 295 29.40 9.11 10.47
CA MET B 295 30.49 8.57 9.67
C MET B 295 30.86 9.46 8.49
N GLY B 296 29.90 10.16 7.92
CA GLY B 296 30.17 11.01 6.78
C GLY B 296 30.21 10.24 5.47
N VAL B 297 29.14 9.50 5.18
CA VAL B 297 29.06 8.66 3.99
C VAL B 297 28.03 9.27 3.05
N ASP B 298 28.40 9.39 1.78
CA ASP B 298 27.49 9.88 0.76
C ASP B 298 26.18 9.10 0.79
N LYS B 299 25.08 9.79 0.52
CA LYS B 299 23.77 9.14 0.60
C LYS B 299 23.53 8.15 -0.52
N GLY B 300 24.52 7.89 -1.37
CA GLY B 300 24.38 6.87 -2.38
C GLY B 300 25.05 5.57 -1.99
N ILE B 301 25.89 5.62 -0.96
CA ILE B 301 26.65 4.45 -0.53
C ILE B 301 25.91 3.74 0.60
N PHE B 302 25.66 4.46 1.69
CA PHE B 302 25.04 3.82 2.85
C PHE B 302 23.58 3.48 2.57
N SER B 303 22.87 4.33 1.83
CA SER B 303 21.48 4.07 1.52
C SER B 303 21.28 2.84 0.64
N PHE B 304 22.33 2.37 -0.03
CA PHE B 304 22.28 1.14 -0.80
C PHE B 304 22.87 -0.04 -0.04
N THR B 305 23.90 0.19 0.77
CA THR B 305 24.59 -0.92 1.42
C THR B 305 23.99 -1.33 2.75
N LEU B 306 23.27 -0.44 3.43
CA LEU B 306 22.66 -0.77 4.71
C LEU B 306 21.34 -1.53 4.56
N PRO B 307 20.43 -1.11 3.68
CA PRO B 307 19.20 -1.91 3.51
C PRO B 307 19.46 -3.26 2.87
N LEU B 308 20.34 -3.33 1.87
CA LEU B 308 20.73 -4.62 1.31
C LEU B 308 21.37 -5.50 2.37
N GLY B 309 22.34 -4.95 3.10
CA GLY B 309 22.96 -5.67 4.20
C GLY B 309 22.01 -6.04 5.31
N ALA B 310 20.83 -5.42 5.35
CA ALA B 310 19.81 -5.78 6.31
C ALA B 310 19.02 -7.01 5.91
N THR B 311 19.24 -7.53 4.69
CA THR B 311 18.56 -8.74 4.24
C THR B 311 19.51 -9.78 3.66
N ILE B 312 20.79 -9.44 3.46
CA ILE B 312 21.78 -10.37 2.91
C ILE B 312 22.93 -10.59 3.88
N ASN B 313 23.59 -9.52 4.30
CA ASN B 313 24.76 -9.67 5.17
C ASN B 313 24.35 -10.02 6.59
N MET B 314 24.21 -11.31 6.86
CA MET B 314 23.95 -11.82 8.22
C MET B 314 25.21 -12.52 8.69
N ASP B 315 26.00 -11.83 9.50
CA ASP B 315 27.23 -12.41 10.04
C ASP B 315 27.00 -13.09 11.38
N GLY B 316 26.35 -12.40 12.31
CA GLY B 316 26.04 -13.02 13.58
C GLY B 316 25.08 -14.19 13.43
N THR B 317 24.11 -14.06 12.52
CA THR B 317 23.20 -15.18 12.26
C THR B 317 23.95 -16.37 11.67
N ALA B 318 24.86 -16.11 10.73
CA ALA B 318 25.66 -17.18 10.15
C ALA B 318 26.54 -17.83 11.20
N LEU B 319 27.06 -17.04 12.13
CA LEU B 319 27.88 -17.60 13.21
C LEU B 319 27.04 -18.46 14.15
N TYR B 320 25.87 -17.97 14.55
CA TYR B 320 24.99 -18.75 15.40
C TYR B 320 24.61 -20.06 14.74
N GLN B 321 24.34 -20.02 13.43
CA GLN B 321 23.99 -21.26 12.73
C GLN B 321 25.18 -22.20 12.65
N GLY B 322 26.36 -21.68 12.34
CA GLY B 322 27.54 -22.52 12.25
C GLY B 322 27.93 -23.14 13.58
N VAL B 323 27.58 -22.50 14.69
CA VAL B 323 27.91 -23.08 15.98
C VAL B 323 26.77 -23.96 16.53
N THR B 324 25.51 -23.66 16.20
CA THR B 324 24.44 -24.56 16.60
C THR B 324 24.44 -25.84 15.78
N VAL B 325 25.01 -25.82 14.57
CA VAL B 325 25.22 -27.07 13.84
C VAL B 325 26.18 -27.96 14.61
N LEU B 326 27.28 -27.40 15.11
CA LEU B 326 28.20 -28.19 15.93
C LEU B 326 27.53 -28.63 17.23
N PHE B 327 26.69 -27.77 17.81
CA PHE B 327 26.00 -28.14 19.04
C PHE B 327 25.09 -29.34 18.83
N VAL B 328 24.26 -29.31 17.78
CA VAL B 328 23.33 -30.40 17.55
C VAL B 328 24.07 -31.66 17.11
N ALA B 329 25.14 -31.52 16.33
CA ALA B 329 25.93 -32.68 15.93
C ALA B 329 26.63 -33.32 17.13
N ASN B 330 26.96 -32.54 18.15
CA ASN B 330 27.49 -33.12 19.38
C ASN B 330 26.40 -33.64 20.29
N ALA B 331 25.19 -33.09 20.18
CA ALA B 331 24.08 -33.56 21.01
C ALA B 331 23.61 -34.94 20.58
N ILE B 332 23.50 -35.16 19.27
CA ILE B 332 23.11 -36.49 18.78
C ILE B 332 24.22 -37.52 18.96
N GLY B 333 25.43 -37.08 19.32
CA GLY B 333 26.53 -37.99 19.54
C GLY B 333 27.37 -38.31 18.32
N HIS B 334 27.03 -37.76 17.15
CA HIS B 334 27.80 -37.99 15.93
C HIS B 334 28.53 -36.70 15.57
N PRO B 335 29.76 -36.52 16.04
CA PRO B 335 30.44 -35.23 15.86
C PRO B 335 30.73 -34.94 14.39
N LEU B 336 31.05 -33.68 14.12
CA LEU B 336 31.37 -33.22 12.78
C LEU B 336 32.85 -33.41 12.49
N THR B 337 33.16 -33.77 11.25
CA THR B 337 34.52 -33.95 10.79
C THR B 337 35.04 -32.62 10.22
N LEU B 338 36.18 -32.66 9.53
CA LEU B 338 36.79 -31.45 9.00
C LEU B 338 36.39 -31.14 7.56
N GLY B 339 35.59 -31.98 6.92
CA GLY B 339 35.09 -31.68 5.59
C GLY B 339 33.65 -31.23 5.63
N GLN B 340 32.85 -31.88 6.47
CA GLN B 340 31.49 -31.44 6.70
C GLN B 340 31.45 -30.00 7.21
N GLN B 341 32.52 -29.55 7.88
CA GLN B 341 32.56 -28.16 8.34
C GLN B 341 32.71 -27.19 7.17
N LEU B 342 33.54 -27.53 6.18
CA LEU B 342 33.62 -26.71 4.98
C LEU B 342 32.30 -26.74 4.21
N VAL B 343 31.64 -27.89 4.20
CA VAL B 343 30.31 -27.95 3.59
C VAL B 343 29.34 -27.03 4.33
N VAL B 344 29.43 -26.99 5.66
CA VAL B 344 28.60 -26.07 6.44
C VAL B 344 28.89 -24.63 6.06
N VAL B 345 30.17 -24.28 5.93
CA VAL B 345 30.54 -22.92 5.54
C VAL B 345 29.92 -22.55 4.21
N LEU B 346 30.15 -23.38 3.19
CA LEU B 346 29.61 -23.10 1.86
C LEU B 346 28.09 -23.01 1.88
N THR B 347 27.44 -23.93 2.61
CA THR B 347 25.98 -23.96 2.60
C THR B 347 25.39 -22.76 3.33
N ALA B 348 26.06 -22.27 4.38
CA ALA B 348 25.57 -21.08 5.05
C ALA B 348 25.76 -19.85 4.19
N VAL B 349 26.91 -19.73 3.53
CA VAL B 349 27.14 -18.61 2.63
C VAL B 349 26.10 -18.61 1.51
N LEU B 350 25.73 -19.80 1.03
CA LEU B 350 24.74 -19.87 -0.05
C LEU B 350 23.32 -19.68 0.46
N ALA B 351 23.03 -20.08 1.69
CA ALA B 351 21.67 -19.91 2.22
C ALA B 351 21.39 -18.46 2.55
N SER B 352 22.42 -17.71 2.99
CA SER B 352 22.22 -16.28 3.21
C SER B 352 21.77 -15.57 1.95
N ILE B 353 22.21 -16.05 0.78
CA ILE B 353 21.77 -15.48 -0.48
C ILE B 353 20.43 -16.08 -0.91
N GLY B 354 20.25 -17.38 -0.69
CA GLY B 354 19.03 -18.05 -1.12
C GLY B 354 17.80 -17.65 -0.34
N THR B 355 17.96 -17.10 0.86
CA THR B 355 16.85 -16.60 1.65
C THR B 355 16.79 -15.08 1.69
N ALA B 356 17.35 -14.42 0.67
CA ALA B 356 17.41 -12.96 0.64
C ALA B 356 16.01 -12.39 0.48
N GLY B 357 15.47 -11.84 1.56
CA GLY B 357 14.17 -11.20 1.53
C GLY B 357 13.02 -12.03 2.05
N VAL B 358 13.26 -13.31 2.34
CA VAL B 358 12.19 -14.17 2.84
C VAL B 358 11.92 -13.84 4.30
N PRO B 359 10.69 -13.55 4.70
CA PRO B 359 10.41 -13.22 6.10
C PRO B 359 10.44 -14.47 6.97
N GLY B 360 10.90 -14.29 8.20
CA GLY B 360 11.03 -15.40 9.13
C GLY B 360 12.03 -16.44 8.69
N ALA B 361 13.09 -16.03 8.01
CA ALA B 361 14.10 -16.95 7.49
C ALA B 361 15.19 -17.28 8.50
N GLY B 362 14.92 -17.10 9.79
CA GLY B 362 15.88 -17.48 10.81
C GLY B 362 16.03 -18.97 10.98
N ALA B 363 15.01 -19.75 10.62
CA ALA B 363 15.03 -21.20 10.75
C ALA B 363 15.21 -21.91 9.42
N ILE B 364 14.82 -21.28 8.31
CA ILE B 364 14.97 -21.92 7.01
C ILE B 364 16.44 -22.13 6.69
N MET B 365 17.29 -21.15 7.02
CA MET B 365 18.71 -21.29 6.75
C MET B 365 19.33 -22.40 7.60
N LEU B 366 18.89 -22.51 8.85
CA LEU B 366 19.39 -23.59 9.70
C LEU B 366 18.94 -24.96 9.18
N ALA B 367 17.69 -25.04 8.71
CA ALA B 367 17.23 -26.28 8.11
C ALA B 367 18.04 -26.62 6.87
N MET B 368 18.39 -25.61 6.07
CA MET B 368 19.23 -25.84 4.89
C MET B 368 20.60 -26.38 5.28
N VAL B 369 21.23 -25.73 6.27
CA VAL B 369 22.58 -26.14 6.67
C VAL B 369 22.55 -27.54 7.29
N LEU B 370 21.44 -27.90 7.95
CA LEU B 370 21.37 -29.23 8.54
C LEU B 370 21.06 -30.29 7.49
N GLN B 371 20.23 -29.97 6.50
CA GLN B 371 19.94 -30.92 5.45
C GLN B 371 21.16 -31.18 4.57
N SER B 372 21.92 -30.14 4.25
CA SER B 372 23.05 -30.30 3.34
C SER B 372 24.24 -30.99 4.00
N VAL B 373 24.20 -31.22 5.31
CA VAL B 373 25.27 -31.92 6.00
C VAL B 373 24.68 -33.16 6.69
N GLY B 374 23.64 -33.72 6.09
CA GLY B 374 23.12 -35.01 6.50
C GLY B 374 22.16 -34.99 7.66
N LEU B 375 22.24 -34.01 8.55
CA LEU B 375 21.40 -33.96 9.75
C LEU B 375 19.99 -33.58 9.34
N ASP B 376 19.23 -34.60 8.91
CA ASP B 376 17.82 -34.41 8.60
C ASP B 376 17.08 -33.87 9.81
N LEU B 377 16.25 -32.86 9.59
CA LEU B 377 15.50 -32.19 10.65
C LEU B 377 14.08 -32.72 10.77
N THR B 378 13.89 -34.01 10.54
CA THR B 378 12.58 -34.61 10.72
C THR B 378 12.16 -34.51 12.18
N PRO B 379 10.88 -34.22 12.45
CA PRO B 379 10.44 -34.07 13.85
C PRO B 379 10.52 -35.38 14.61
N GLY B 380 10.50 -35.26 15.93
CA GLY B 380 10.64 -36.41 16.81
C GLY B 380 12.04 -36.93 16.97
N SER B 381 12.94 -36.62 16.04
CA SER B 381 14.32 -37.07 16.13
C SER B 381 15.07 -36.28 17.20
N PRO B 382 16.14 -36.86 17.75
CA PRO B 382 16.98 -36.10 18.71
C PRO B 382 17.44 -34.76 18.19
N VAL B 383 17.66 -34.63 16.89
CA VAL B 383 18.11 -33.35 16.33
C VAL B 383 17.06 -32.27 16.57
N ALA B 384 15.78 -32.63 16.47
CA ALA B 384 14.73 -31.65 16.74
C ALA B 384 14.68 -31.31 18.22
N LEU B 385 15.00 -32.26 19.10
CA LEU B 385 15.04 -31.96 20.53
C LEU B 385 16.16 -30.98 20.85
N ALA B 386 17.34 -31.19 20.27
CA ALA B 386 18.44 -30.25 20.51
C ALA B 386 18.13 -28.89 19.90
N TYR B 387 17.50 -28.86 18.73
CA TYR B 387 17.14 -27.58 18.13
C TYR B 387 16.08 -26.85 18.97
N ALA B 388 15.17 -27.58 19.59
CA ALA B 388 14.20 -26.94 20.47
C ALA B 388 14.88 -26.44 21.75
N MET B 389 15.82 -27.21 22.28
CA MET B 389 16.58 -26.76 23.44
C MET B 389 17.32 -25.47 23.12
N ILE B 390 17.84 -25.35 21.90
CA ILE B 390 18.51 -24.10 21.51
C ILE B 390 17.50 -22.98 21.35
N LEU B 391 16.39 -23.24 20.66
CA LEU B 391 15.32 -22.27 20.53
C LEU B 391 14.85 -21.77 21.90
N GLY B 392 15.07 -22.55 22.94
CA GLY B 392 14.86 -22.10 24.30
C GLY B 392 15.58 -20.80 24.63
N ILE B 393 16.90 -20.79 24.55
CA ILE B 393 17.68 -19.61 24.89
C ILE B 393 17.94 -18.75 23.65
N ASP B 394 17.26 -19.07 22.55
CA ASP B 394 17.38 -18.27 21.34
C ASP B 394 17.20 -16.78 21.62
N ALA B 395 16.25 -16.42 22.47
CA ALA B 395 15.99 -15.01 22.73
C ALA B 395 17.18 -14.31 23.36
N ILE B 396 17.99 -15.05 24.12
CA ILE B 396 19.23 -14.49 24.66
C ILE B 396 20.39 -14.66 23.69
N LEU B 397 20.26 -15.53 22.70
CA LEU B 397 21.24 -15.62 21.62
C LEU B 397 20.95 -14.61 20.52
N ASP B 398 19.68 -14.44 20.16
CA ASP B 398 19.27 -13.51 19.11
C ASP B 398 19.62 -12.07 19.44
N MET B 399 20.08 -11.77 20.65
CA MET B 399 20.47 -10.41 20.98
C MET B 399 21.80 -10.05 20.35
N GLY B 400 22.85 -10.82 20.65
CA GLY B 400 24.17 -10.46 20.17
C GLY B 400 24.31 -10.55 18.67
N ARG B 401 23.77 -11.61 18.08
CA ARG B 401 23.97 -11.83 16.65
C ARG B 401 23.32 -10.74 15.81
N THR B 402 22.25 -10.11 16.31
CA THR B 402 21.69 -8.96 15.62
C THR B 402 22.67 -7.79 15.66
N MET B 403 23.31 -7.58 16.81
CA MET B 403 24.33 -6.54 16.91
C MET B 403 25.46 -6.80 15.92
N VAL B 404 25.87 -8.06 15.78
CA VAL B 404 26.95 -8.37 14.86
C VAL B 404 26.50 -8.15 13.42
N ASN B 405 25.26 -8.52 13.10
CA ASN B 405 24.74 -8.27 11.75
C ASN B 405 24.77 -6.79 11.41
N VAL B 406 24.32 -5.94 12.33
CA VAL B 406 24.24 -4.51 12.03
C VAL B 406 25.63 -3.88 12.02
N THR B 407 26.51 -4.30 12.93
CA THR B 407 27.88 -3.82 12.88
C THR B 407 28.56 -4.23 11.58
N GLY B 408 28.22 -5.40 11.06
CA GLY B 408 28.76 -5.81 9.77
C GLY B 408 28.26 -4.95 8.63
N ASP B 409 26.95 -4.67 8.61
CA ASP B 409 26.42 -3.75 7.62
C ASP B 409 27.14 -2.41 7.68
N LEU B 410 27.38 -1.90 8.89
CA LEU B 410 28.03 -0.60 9.04
C LEU B 410 29.48 -0.64 8.58
N ALA B 411 30.21 -1.69 8.96
CA ALA B 411 31.62 -1.79 8.55
C ALA B 411 31.73 -1.95 7.04
N GLY B 412 30.79 -2.67 6.42
CA GLY B 412 30.79 -2.77 4.97
C GLY B 412 30.53 -1.43 4.31
N THR B 413 29.55 -0.69 4.81
CA THR B 413 29.30 0.65 4.28
C THR B 413 30.53 1.53 4.41
N VAL B 414 31.17 1.52 5.58
CA VAL B 414 32.33 2.36 5.83
C VAL B 414 33.48 1.99 4.90
N ILE B 415 33.72 0.69 4.72
CA ILE B 415 34.81 0.25 3.85
C ILE B 415 34.55 0.63 2.41
N VAL B 416 33.34 0.32 1.90
CA VAL B 416 33.03 0.64 0.51
C VAL B 416 33.08 2.14 0.28
N ALA B 417 32.71 2.93 1.28
CA ALA B 417 32.79 4.38 1.14
C ALA B 417 34.24 4.85 1.09
N LYS B 418 35.06 4.38 2.02
CA LYS B 418 36.45 4.83 2.08
C LYS B 418 37.22 4.41 0.82
N THR B 419 36.91 3.24 0.27
CA THR B 419 37.59 2.80 -0.94
C THR B 419 37.05 3.49 -2.20
N GLU B 420 35.93 4.19 -2.10
CA GLU B 420 35.37 4.92 -3.23
C GLU B 420 35.55 6.42 -3.10
N LYS B 421 36.35 6.87 -2.15
CA LYS B 421 36.70 8.28 -1.98
C LYS B 421 35.46 9.16 -1.85
N GLU B 422 34.49 8.70 -1.06
CA GLU B 422 33.33 9.51 -0.70
C GLU B 422 33.01 9.35 0.78
N LEU B 423 34.04 9.34 1.61
CA LEU B 423 33.90 9.26 3.06
C LEU B 423 34.49 10.52 3.67
N ASP B 424 33.69 11.21 4.47
CA ASP B 424 34.09 12.50 5.04
C ASP B 424 35.23 12.29 6.03
N GLU B 425 36.44 12.66 5.61
CA GLU B 425 37.62 12.46 6.46
C GLU B 425 37.65 13.43 7.64
N SER B 426 36.85 14.49 7.60
CA SER B 426 36.91 15.49 8.66
C SER B 426 36.40 14.94 9.98
N LYS B 427 35.22 14.30 9.96
CA LYS B 427 34.61 13.78 11.18
C LYS B 427 35.15 12.41 11.57
N TRP B 428 36.29 12.01 11.02
CA TRP B 428 36.96 10.77 11.43
C TRP B 428 38.18 11.03 12.30
N ILE B 429 39.03 11.98 11.92
CA ILE B 429 40.22 12.32 12.68
C ILE B 429 39.81 13.09 13.94
N SER B 430 40.73 13.22 14.88
CA SER B 430 40.46 13.94 16.12
C SER B 430 41.39 15.14 16.27
N ARG C 8 28.98 -2.75 -28.57
CA ARG C 8 28.64 -3.85 -27.66
C ARG C 8 27.33 -4.50 -28.09
N TYR C 9 26.34 -4.46 -27.21
CA TYR C 9 25.02 -5.00 -27.49
C TYR C 9 23.95 -3.93 -27.64
N LEU C 10 24.02 -2.85 -26.86
CA LEU C 10 23.04 -1.77 -26.91
C LEU C 10 23.12 -0.94 -28.18
N ASP C 11 24.03 -1.26 -29.10
CA ASP C 11 24.25 -0.47 -30.30
C ASP C 11 23.48 -1.08 -31.47
N TYR C 12 22.15 -0.89 -31.43
CA TYR C 12 21.26 -1.40 -32.47
C TYR C 12 19.86 -0.83 -32.25
N PRO C 13 19.14 -0.44 -33.31
CA PRO C 13 17.72 -0.09 -33.15
C PRO C 13 16.90 -1.30 -32.72
N VAL C 14 16.26 -1.22 -31.57
CA VAL C 14 15.51 -2.34 -31.02
C VAL C 14 14.15 -2.45 -31.71
N LEU C 15 13.92 -1.58 -32.70
CA LEU C 15 12.67 -1.64 -33.45
C LEU C 15 12.53 -2.98 -34.17
N TRP C 16 13.61 -3.52 -34.70
CA TRP C 16 13.59 -4.83 -35.34
C TRP C 16 14.74 -5.70 -34.87
N LYS C 17 15.18 -5.50 -33.63
CA LYS C 17 16.00 -6.51 -32.95
C LYS C 17 15.15 -7.47 -32.15
N ILE C 18 14.00 -7.00 -31.64
CA ILE C 18 13.05 -7.90 -31.00
C ILE C 18 12.55 -8.95 -31.98
N LEU C 19 12.43 -8.58 -33.25
CA LEU C 19 11.99 -9.54 -34.26
C LEU C 19 12.98 -10.68 -34.40
N TRP C 20 14.27 -10.37 -34.50
CA TRP C 20 15.27 -11.42 -34.61
C TRP C 20 15.60 -12.07 -33.29
N GLY C 21 15.11 -11.53 -32.18
CA GLY C 21 15.11 -12.28 -30.94
C GLY C 21 14.00 -13.31 -30.97
N LEU C 22 12.82 -12.89 -31.46
CA LEU C 22 11.66 -13.77 -31.48
C LEU C 22 11.85 -14.94 -32.44
N VAL C 23 12.38 -14.69 -33.64
CA VAL C 23 12.51 -15.77 -34.60
C VAL C 23 13.54 -16.80 -34.11
N LEU C 24 14.67 -16.32 -33.59
CA LEU C 24 15.65 -17.23 -33.01
C LEU C 24 15.06 -18.01 -31.85
N GLY C 25 14.26 -17.35 -31.02
CA GLY C 25 13.62 -18.06 -29.91
C GLY C 25 12.68 -19.15 -30.39
N ALA C 26 11.87 -18.83 -31.41
CA ALA C 26 10.90 -19.81 -31.89
C ALA C 26 11.60 -21.01 -32.49
N VAL C 27 12.63 -20.79 -33.31
CA VAL C 27 13.30 -21.92 -33.95
C VAL C 27 14.04 -22.74 -32.90
N PHE C 28 14.71 -22.09 -31.96
CA PHE C 28 15.44 -22.85 -30.95
C PHE C 28 14.50 -23.59 -30.00
N GLY C 29 13.33 -23.03 -29.73
CA GLY C 29 12.36 -23.73 -28.91
C GLY C 29 11.78 -24.94 -29.62
N LEU C 30 11.46 -24.80 -30.91
CA LEU C 30 11.01 -25.96 -31.68
C LEU C 30 12.09 -27.04 -31.72
N ILE C 31 13.36 -26.62 -31.80
CA ILE C 31 14.45 -27.59 -31.83
C ILE C 31 14.59 -28.30 -30.48
N ALA C 32 14.55 -27.53 -29.38
CA ALA C 32 14.67 -28.14 -28.06
C ALA C 32 13.48 -29.02 -27.74
N GLY C 33 12.32 -28.75 -28.33
CA GLY C 33 11.17 -29.61 -28.13
C GLY C 33 11.26 -30.87 -28.96
N HIS C 34 11.75 -30.74 -30.19
CA HIS C 34 11.90 -31.90 -31.06
C HIS C 34 12.97 -32.85 -30.52
N PHE C 35 14.03 -32.32 -29.94
CA PHE C 35 15.12 -33.13 -29.42
C PHE C 35 14.90 -33.60 -27.99
N GLY C 36 13.78 -33.23 -27.36
CA GLY C 36 13.50 -33.64 -26.00
C GLY C 36 14.41 -32.97 -24.98
N TYR C 37 14.27 -31.65 -24.82
CA TYR C 37 15.11 -30.91 -23.89
C TYR C 37 14.32 -29.88 -23.08
N ALA C 38 12.99 -30.04 -23.02
CA ALA C 38 12.15 -29.02 -22.38
C ALA C 38 12.60 -28.68 -20.97
N GLY C 39 13.17 -29.66 -20.25
CA GLY C 39 13.67 -29.38 -18.93
C GLY C 39 14.84 -28.41 -18.93
N ALA C 40 15.79 -28.61 -19.85
CA ALA C 40 16.93 -27.70 -19.93
C ALA C 40 16.49 -26.29 -20.23
N VAL C 41 15.55 -26.12 -21.15
CA VAL C 41 15.10 -24.78 -21.51
C VAL C 41 14.31 -24.15 -20.37
N LYS C 42 13.42 -24.92 -19.73
CA LYS C 42 12.65 -24.37 -18.63
C LYS C 42 13.52 -24.05 -17.42
N THR C 43 14.67 -24.69 -17.27
CA THR C 43 15.51 -24.49 -16.10
C THR C 43 16.58 -23.43 -16.33
N TYR C 44 17.08 -23.26 -17.56
CA TYR C 44 18.17 -22.34 -17.81
C TYR C 44 17.86 -21.22 -18.77
N ILE C 45 16.67 -21.20 -19.38
CA ILE C 45 16.30 -20.18 -20.34
C ILE C 45 15.07 -19.39 -19.89
N LYS C 46 14.05 -20.07 -19.38
CA LYS C 46 12.86 -19.36 -18.92
C LYS C 46 13.11 -18.37 -17.78
N PRO C 47 14.15 -18.52 -16.94
CA PRO C 47 14.46 -17.43 -16.00
C PRO C 47 14.57 -16.06 -16.64
N PHE C 48 15.20 -15.95 -17.81
CA PHE C 48 15.31 -14.66 -18.47
C PHE C 48 13.95 -14.14 -18.92
N GLY C 49 13.12 -15.03 -19.45
CA GLY C 49 11.76 -14.62 -19.82
C GLY C 49 10.97 -14.13 -18.62
N ASP C 50 11.10 -14.81 -17.48
CA ASP C 50 10.37 -14.39 -16.30
C ASP C 50 10.91 -13.07 -15.76
N LEU C 51 12.22 -12.86 -15.84
CA LEU C 51 12.79 -11.58 -15.45
C LEU C 51 12.24 -10.47 -16.33
N PHE C 52 12.12 -10.72 -17.63
CA PHE C 52 11.54 -9.71 -18.51
C PHE C 52 10.08 -9.44 -18.18
N VAL C 53 9.31 -10.49 -17.94
CA VAL C 53 7.90 -10.32 -17.60
C VAL C 53 7.75 -9.51 -16.31
N ARG C 54 8.61 -9.77 -15.32
CA ARG C 54 8.52 -9.02 -14.08
C ARG C 54 8.98 -7.58 -14.24
N LEU C 55 10.02 -7.35 -15.06
CA LEU C 55 10.42 -5.99 -15.35
C LEU C 55 9.32 -5.22 -16.06
N LEU C 56 8.47 -5.92 -16.82
CA LEU C 56 7.37 -5.24 -17.50
C LEU C 56 6.19 -5.02 -16.58
N LYS C 57 5.92 -5.97 -15.69
CA LYS C 57 4.81 -5.82 -14.75
C LYS C 57 5.12 -4.80 -13.66
N MET C 58 6.40 -4.56 -13.39
CA MET C 58 6.77 -3.64 -12.33
C MET C 58 6.25 -2.23 -12.59
N LEU C 59 6.00 -1.88 -13.85
CA LEU C 59 5.66 -0.52 -14.22
C LEU C 59 4.17 -0.30 -14.44
N VAL C 60 3.37 -1.35 -14.52
CA VAL C 60 1.98 -1.19 -14.94
C VAL C 60 1.24 -0.24 -14.02
N MET C 61 1.35 -0.45 -12.71
CA MET C 61 0.59 0.39 -11.78
C MET C 61 1.12 1.82 -11.72
N PRO C 62 2.43 2.07 -11.54
CA PRO C 62 2.89 3.47 -11.55
C PRO C 62 2.64 4.17 -12.87
N ILE C 63 2.87 3.48 -14.00
CA ILE C 63 2.66 4.11 -15.29
C ILE C 63 1.18 4.43 -15.50
N VAL C 64 0.29 3.52 -15.10
CA VAL C 64 -1.14 3.78 -15.28
C VAL C 64 -1.58 4.94 -14.40
N LEU C 65 -1.24 4.89 -13.11
CA LEU C 65 -1.64 5.96 -12.19
C LEU C 65 -1.12 7.31 -12.66
N ALA C 66 0.19 7.43 -12.86
CA ALA C 66 0.77 8.72 -13.19
C ALA C 66 0.29 9.21 -14.55
N SER C 67 0.37 8.36 -15.59
CA SER C 67 -0.06 8.78 -16.92
C SER C 67 -1.52 9.19 -16.93
N LEU C 68 -2.38 8.45 -16.24
CA LEU C 68 -3.79 8.77 -16.27
C LEU C 68 -4.09 10.06 -15.51
N VAL C 69 -3.43 10.28 -14.37
CA VAL C 69 -3.67 11.52 -13.64
C VAL C 69 -3.21 12.71 -14.46
N VAL C 70 -2.01 12.63 -15.04
CA VAL C 70 -1.49 13.74 -15.83
C VAL C 70 -2.38 14.00 -17.03
N GLY C 71 -2.87 12.93 -17.68
CA GLY C 71 -3.73 13.12 -18.84
C GLY C 71 -5.07 13.73 -18.46
N ALA C 72 -5.77 13.12 -17.51
CA ALA C 72 -7.09 13.60 -17.10
C ALA C 72 -7.02 14.94 -16.37
N ALA C 73 -5.83 15.43 -16.02
CA ALA C 73 -5.68 16.77 -15.50
C ALA C 73 -5.32 17.78 -16.59
N SER C 74 -5.36 17.36 -17.85
CA SER C 74 -5.11 18.23 -18.99
C SER C 74 -6.16 18.05 -20.06
N ILE C 75 -7.37 17.66 -19.67
CA ILE C 75 -8.46 17.42 -20.60
C ILE C 75 -9.76 17.84 -19.94
N SER C 76 -10.70 18.31 -20.75
CA SER C 76 -11.99 18.75 -20.24
C SER C 76 -12.87 17.53 -19.97
N PRO C 77 -13.54 17.47 -18.81
CA PRO C 77 -14.34 16.28 -18.50
C PRO C 77 -15.38 15.92 -19.55
N ALA C 78 -15.89 16.91 -20.29
CA ALA C 78 -16.83 16.60 -21.36
C ALA C 78 -16.12 15.89 -22.52
N ARG C 79 -14.93 16.37 -22.88
CA ARG C 79 -14.13 15.68 -23.89
C ARG C 79 -13.75 14.29 -23.40
N LEU C 80 -13.48 14.14 -22.11
CA LEU C 80 -13.18 12.83 -21.55
C LEU C 80 -14.38 11.90 -21.66
N GLY C 81 -15.58 12.41 -21.40
CA GLY C 81 -16.76 11.57 -21.51
C GLY C 81 -17.05 11.17 -22.94
N ARG C 82 -16.89 12.09 -23.89
CA ARG C 82 -17.06 11.75 -25.29
C ARG C 82 -16.04 10.70 -25.73
N VAL C 83 -14.79 10.86 -25.30
CA VAL C 83 -13.76 9.88 -25.63
C VAL C 83 -14.11 8.52 -25.03
N GLY C 84 -14.62 8.51 -23.79
CA GLY C 84 -14.99 7.25 -23.18
C GLY C 84 -16.12 6.56 -23.92
N VAL C 85 -17.15 7.31 -24.30
CA VAL C 85 -18.25 6.72 -25.06
C VAL C 85 -17.75 6.15 -26.38
N LYS C 86 -16.90 6.91 -27.09
CA LYS C 86 -16.35 6.43 -28.35
C LYS C 86 -15.57 5.13 -28.16
N ILE C 87 -14.73 5.08 -27.13
CA ILE C 87 -13.86 3.92 -26.98
C ILE C 87 -14.64 2.70 -26.52
N VAL C 88 -15.69 2.88 -25.71
CA VAL C 88 -16.48 1.71 -25.31
C VAL C 88 -17.29 1.20 -26.49
N VAL C 89 -17.83 2.10 -27.31
CA VAL C 89 -18.52 1.66 -28.52
C VAL C 89 -17.57 0.86 -29.41
N TYR C 90 -16.36 1.38 -29.57
CA TYR C 90 -15.36 0.69 -30.40
C TYR C 90 -15.05 -0.70 -29.84
N TYR C 91 -14.83 -0.79 -28.52
CA TYR C 91 -14.46 -2.06 -27.92
C TYR C 91 -15.57 -3.09 -28.09
N LEU C 92 -16.82 -2.69 -27.85
CA LEU C 92 -17.92 -3.63 -28.05
C LEU C 92 -17.99 -4.09 -29.50
N ALA C 93 -17.86 -3.15 -30.45
CA ALA C 93 -17.94 -3.50 -31.87
C ALA C 93 -16.86 -4.50 -32.25
N THR C 94 -15.62 -4.23 -31.82
CA THR C 94 -14.52 -5.12 -32.21
C THR C 94 -14.62 -6.48 -31.53
N SER C 95 -15.10 -6.53 -30.28
CA SER C 95 -15.30 -7.83 -29.65
C SER C 95 -16.34 -8.65 -30.40
N ALA C 96 -17.47 -8.03 -30.76
CA ALA C 96 -18.50 -8.75 -31.50
C ALA C 96 -17.97 -9.23 -32.85
N MET C 97 -17.27 -8.36 -33.58
CA MET C 97 -16.76 -8.75 -34.88
C MET C 97 -15.67 -9.82 -34.77
N ALA C 98 -14.91 -9.81 -33.68
CA ALA C 98 -13.90 -10.84 -33.49
C ALA C 98 -14.54 -12.20 -33.26
N VAL C 99 -15.61 -12.24 -32.45
CA VAL C 99 -16.31 -13.51 -32.26
C VAL C 99 -16.95 -13.97 -33.56
N PHE C 100 -17.44 -13.02 -34.36
CA PHE C 100 -18.00 -13.38 -35.66
C PHE C 100 -16.95 -14.01 -36.56
N PHE C 101 -15.76 -13.41 -36.62
CA PHE C 101 -14.67 -13.98 -37.41
C PHE C 101 -14.25 -15.34 -36.87
N GLY C 102 -14.27 -15.50 -35.55
CA GLY C 102 -13.94 -16.79 -34.97
C GLY C 102 -14.90 -17.87 -35.40
N LEU C 103 -16.21 -17.60 -35.31
CA LEU C 103 -17.20 -18.58 -35.75
C LEU C 103 -17.04 -18.87 -37.25
N ILE C 104 -16.81 -17.84 -38.05
CA ILE C 104 -16.67 -18.03 -39.49
C ILE C 104 -15.50 -18.96 -39.79
N VAL C 105 -14.31 -18.64 -39.26
CA VAL C 105 -13.14 -19.45 -39.57
C VAL C 105 -13.20 -20.81 -38.88
N GLY C 106 -13.97 -20.94 -37.80
CA GLY C 106 -14.15 -22.25 -37.21
C GLY C 106 -14.99 -23.15 -38.09
N ARG C 107 -16.10 -22.64 -38.61
CA ARG C 107 -16.87 -23.41 -39.58
C ARG C 107 -16.04 -23.70 -40.83
N LEU C 108 -15.17 -22.77 -41.20
CA LEU C 108 -14.31 -22.97 -42.36
C LEU C 108 -13.38 -24.17 -42.16
N PHE C 109 -12.49 -24.07 -41.17
CA PHE C 109 -11.53 -25.14 -40.92
C PHE C 109 -12.17 -26.40 -40.36
N ASN C 110 -13.47 -26.38 -40.08
CA ASN C 110 -14.16 -27.50 -39.44
C ASN C 110 -13.48 -27.88 -38.14
N VAL C 111 -13.41 -26.90 -37.24
CA VAL C 111 -12.74 -27.10 -35.96
C VAL C 111 -13.45 -28.20 -35.18
N GLY C 112 -12.66 -29.07 -34.55
CA GLY C 112 -13.22 -30.21 -33.85
C GLY C 112 -14.02 -31.14 -34.74
N ALA C 113 -13.51 -31.41 -35.94
CA ALA C 113 -14.21 -32.30 -36.86
C ALA C 113 -14.34 -33.70 -36.26
N ASN C 114 -13.24 -34.23 -35.73
CA ASN C 114 -13.26 -35.51 -35.06
C ASN C 114 -12.03 -35.59 -34.16
N VAL C 115 -12.24 -36.04 -32.93
CA VAL C 115 -11.13 -36.26 -32.01
C VAL C 115 -11.61 -37.22 -30.91
N ASN C 116 -10.75 -38.19 -30.59
CA ASN C 116 -11.04 -39.16 -29.54
C ASN C 116 -10.56 -38.60 -28.22
N LEU C 117 -11.49 -38.26 -27.33
CA LEU C 117 -11.14 -37.58 -26.10
C LEU C 117 -10.42 -38.52 -25.13
N GLY C 118 -11.07 -39.60 -24.72
CA GLY C 118 -10.52 -40.47 -23.70
C GLY C 118 -10.96 -40.03 -22.32
N SER C 119 -11.67 -40.89 -21.61
CA SER C 119 -12.26 -40.50 -20.33
C SER C 119 -11.16 -40.32 -19.28
N GLY C 120 -11.34 -39.31 -18.44
CA GLY C 120 -10.39 -39.04 -17.39
C GLY C 120 -10.91 -38.01 -16.42
N THR C 121 -9.98 -37.35 -15.72
CA THR C 121 -10.36 -36.30 -14.80
C THR C 121 -10.89 -35.08 -15.54
N GLY C 122 -10.04 -34.46 -16.36
CA GLY C 122 -10.46 -33.33 -17.16
C GLY C 122 -10.52 -32.04 -16.38
N LYS C 123 -10.09 -30.95 -17.00
CA LYS C 123 -10.14 -29.66 -16.34
C LYS C 123 -11.58 -29.17 -16.29
N ALA C 124 -12.02 -28.74 -15.10
CA ALA C 124 -13.37 -28.25 -14.92
C ALA C 124 -13.34 -27.18 -13.83
N ILE C 125 -13.24 -25.92 -14.24
CA ILE C 125 -13.29 -24.81 -13.31
C ILE C 125 -14.74 -24.51 -12.98
N GLU C 126 -15.00 -24.19 -11.72
CA GLU C 126 -16.36 -23.82 -11.30
C GLU C 126 -16.67 -22.42 -11.81
N ALA C 127 -17.64 -22.33 -12.72
CA ALA C 127 -18.06 -21.05 -13.27
C ALA C 127 -18.74 -20.22 -12.18
N GLN C 128 -18.07 -19.15 -11.74
CA GLN C 128 -18.65 -18.21 -10.78
C GLN C 128 -18.94 -16.93 -11.54
N PRO C 129 -20.09 -16.80 -12.17
CA PRO C 129 -20.38 -15.61 -12.96
C PRO C 129 -20.91 -14.49 -12.09
N PRO C 130 -20.17 -13.40 -11.94
CA PRO C 130 -20.69 -12.26 -11.18
C PRO C 130 -21.68 -11.47 -12.03
N SER C 131 -22.66 -10.88 -11.35
CA SER C 131 -23.62 -10.04 -12.05
C SER C 131 -22.92 -8.84 -12.65
N LEU C 132 -23.48 -8.33 -13.75
CA LEU C 132 -22.88 -7.17 -14.40
C LEU C 132 -22.80 -5.98 -13.45
N VAL C 133 -23.78 -5.83 -12.56
CA VAL C 133 -23.76 -4.67 -11.67
C VAL C 133 -22.64 -4.80 -10.64
N GLN C 134 -22.28 -6.01 -10.25
CA GLN C 134 -21.17 -6.15 -9.30
C GLN C 134 -19.84 -5.79 -9.96
N THR C 135 -19.63 -6.21 -11.19
CA THR C 135 -18.42 -5.85 -11.92
C THR C 135 -18.48 -4.46 -12.52
N LEU C 136 -19.58 -3.74 -12.34
CA LEU C 136 -19.63 -2.32 -12.65
C LEU C 136 -19.50 -1.45 -11.40
N LEU C 137 -19.84 -1.97 -10.23
CA LEU C 137 -19.57 -1.27 -8.99
C LEU C 137 -18.14 -1.48 -8.51
N ASN C 138 -17.54 -2.63 -8.85
CA ASN C 138 -16.16 -2.87 -8.48
C ASN C 138 -15.19 -1.94 -9.19
N ILE C 139 -15.67 -1.14 -10.15
CA ILE C 139 -14.83 -0.12 -10.76
C ILE C 139 -14.56 1.00 -9.78
N VAL C 140 -15.45 1.22 -8.81
CA VAL C 140 -15.23 2.20 -7.75
C VAL C 140 -14.41 1.54 -6.66
N PRO C 141 -13.26 2.11 -6.28
CA PRO C 141 -12.40 1.45 -5.29
C PRO C 141 -12.86 1.78 -3.87
N THR C 142 -13.04 0.75 -3.05
CA THR C 142 -13.32 0.97 -1.64
C THR C 142 -12.15 1.65 -0.95
N ASN C 143 -10.94 1.39 -1.42
CA ASN C 143 -9.73 2.00 -0.88
C ASN C 143 -8.70 2.06 -2.01
N PRO C 144 -8.34 3.26 -2.48
CA PRO C 144 -7.47 3.34 -3.67
C PRO C 144 -6.08 2.78 -3.44
N PHE C 145 -5.51 2.94 -2.25
CA PHE C 145 -4.22 2.33 -1.97
C PHE C 145 -4.32 0.81 -1.96
N ALA C 146 -5.43 0.27 -1.46
CA ALA C 146 -5.63 -1.17 -1.53
C ALA C 146 -5.85 -1.65 -2.95
N SER C 147 -6.29 -0.77 -3.85
CA SER C 147 -6.41 -1.12 -5.26
C SER C 147 -5.07 -1.05 -5.97
N LEU C 148 -4.20 -0.14 -5.54
CA LEU C 148 -2.84 -0.12 -6.08
C LEU C 148 -2.03 -1.31 -5.60
N ALA C 149 -2.21 -1.70 -4.34
CA ALA C 149 -1.45 -2.78 -3.74
C ALA C 149 -2.06 -4.16 -4.00
N LYS C 150 -2.94 -4.27 -4.99
CA LYS C 150 -3.55 -5.55 -5.34
C LYS C 150 -3.52 -5.85 -6.83
N GLY C 151 -2.92 -4.99 -7.64
CA GLY C 151 -2.89 -5.19 -9.07
C GLY C 151 -4.17 -4.80 -9.79
N GLU C 152 -5.17 -4.30 -9.10
CA GLU C 152 -6.40 -3.87 -9.74
C GLU C 152 -6.15 -2.61 -10.56
N VAL C 153 -6.52 -2.63 -11.83
CA VAL C 153 -6.22 -1.54 -12.73
C VAL C 153 -7.44 -0.65 -12.92
N LEU C 154 -8.63 -1.25 -12.96
CA LEU C 154 -9.85 -0.49 -13.24
C LEU C 154 -10.23 0.43 -12.09
N PRO C 155 -10.19 -0.02 -10.83
CA PRO C 155 -10.40 0.94 -9.74
C PRO C 155 -9.38 2.06 -9.75
N VAL C 156 -8.13 1.75 -10.09
CA VAL C 156 -7.12 2.79 -10.21
C VAL C 156 -7.44 3.72 -11.37
N ILE C 157 -7.98 3.18 -12.46
CA ILE C 157 -8.42 4.03 -13.57
C ILE C 157 -9.44 5.04 -13.07
N PHE C 158 -10.46 4.57 -12.35
CA PHE C 158 -11.51 5.47 -11.87
C PHE C 158 -10.94 6.52 -10.92
N PHE C 159 -10.17 6.08 -9.93
CA PHE C 159 -9.63 7.02 -8.95
C PHE C 159 -8.70 8.04 -9.60
N ALA C 160 -7.88 7.60 -10.55
CA ALA C 160 -6.97 8.52 -11.21
C ALA C 160 -7.72 9.50 -12.08
N ILE C 161 -8.78 9.06 -12.75
CA ILE C 161 -9.60 9.97 -13.55
C ILE C 161 -10.17 11.06 -12.67
N ILE C 162 -10.81 10.68 -11.57
CA ILE C 162 -11.46 11.70 -10.74
C ILE C 162 -10.42 12.57 -10.03
N LEU C 163 -9.25 12.02 -9.70
CA LEU C 163 -8.21 12.83 -9.08
C LEU C 163 -7.63 13.83 -10.07
N GLY C 164 -7.41 13.43 -11.32
CA GLY C 164 -6.95 14.37 -12.32
C GLY C 164 -7.96 15.47 -12.59
N ILE C 165 -9.25 15.12 -12.60
CA ILE C 165 -10.27 16.14 -12.78
C ILE C 165 -10.29 17.11 -11.61
N ALA C 166 -10.15 16.59 -10.38
CA ALA C 166 -10.09 17.46 -9.22
C ALA C 166 -8.88 18.38 -9.27
N ILE C 167 -7.74 17.86 -9.73
CA ILE C 167 -6.54 18.68 -9.81
C ILE C 167 -6.72 19.79 -10.84
N THR C 168 -7.29 19.47 -12.00
CA THR C 168 -7.50 20.51 -12.99
C THR C 168 -8.58 21.49 -12.56
N TYR C 169 -9.46 21.10 -11.64
CA TYR C 169 -10.41 22.06 -11.09
C TYR C 169 -9.76 22.95 -10.04
N LEU C 170 -8.77 22.42 -9.32
CA LEU C 170 -8.03 23.25 -8.36
C LEU C 170 -7.16 24.27 -9.07
N MET C 171 -6.50 23.86 -10.16
CA MET C 171 -5.57 24.77 -10.83
C MET C 171 -6.28 25.91 -11.55
N ASN C 172 -7.59 26.04 -11.40
CA ASN C 172 -8.35 27.16 -11.96
C ASN C 172 -9.14 27.86 -10.86
N ARG C 173 -8.52 28.01 -9.69
CA ARG C 173 -9.15 28.64 -8.55
C ARG C 173 -8.44 29.94 -8.22
N ASN C 174 -9.23 30.97 -7.86
CA ASN C 174 -8.66 32.29 -7.58
C ASN C 174 -7.71 32.28 -6.40
N GLU C 175 -7.76 31.25 -5.55
CA GLU C 175 -6.81 31.14 -4.46
C GLU C 175 -5.39 30.99 -5.01
N GLU C 176 -4.41 31.19 -4.13
CA GLU C 176 -3.01 31.08 -4.50
C GLU C 176 -2.30 29.94 -3.81
N ARG C 177 -2.54 29.74 -2.51
CA ARG C 177 -1.91 28.65 -1.79
C ARG C 177 -2.32 27.28 -2.34
N VAL C 178 -3.46 27.21 -3.02
CA VAL C 178 -3.92 25.94 -3.59
C VAL C 178 -3.55 25.89 -5.06
N ARG C 179 -3.43 27.05 -5.70
CA ARG C 179 -3.00 27.08 -7.09
C ARG C 179 -1.53 26.70 -7.23
N LYS C 180 -0.72 27.04 -6.23
CA LYS C 180 0.68 26.64 -6.20
C LYS C 180 0.90 25.32 -5.50
N SER C 181 -0.17 24.63 -5.10
CA SER C 181 -0.07 23.35 -4.44
C SER C 181 -0.76 22.22 -5.19
N ALA C 182 -1.66 22.53 -6.12
CA ALA C 182 -2.21 21.55 -7.04
C ALA C 182 -1.52 21.58 -8.39
N GLU C 183 -0.44 22.35 -8.51
CA GLU C 183 0.45 22.29 -9.66
C GLU C 183 1.79 21.68 -9.32
N THR C 184 2.04 21.42 -8.03
CA THR C 184 3.20 20.65 -7.60
C THR C 184 2.88 19.16 -7.53
N LEU C 185 1.67 18.81 -7.10
CA LEU C 185 1.24 17.41 -7.18
C LEU C 185 1.18 16.96 -8.63
N LEU C 186 0.70 17.84 -9.52
CA LEU C 186 0.66 17.51 -10.94
C LEU C 186 2.05 17.29 -11.49
N ARG C 187 3.03 18.08 -11.03
CA ARG C 187 4.39 17.88 -11.51
C ARG C 187 5.04 16.65 -10.89
N VAL C 188 4.63 16.28 -9.68
CA VAL C 188 5.07 15.01 -9.11
C VAL C 188 4.62 13.86 -10.00
N PHE C 189 3.34 13.84 -10.35
CA PHE C 189 2.83 12.77 -11.21
C PHE C 189 3.43 12.84 -12.61
N ASP C 190 3.70 14.05 -13.11
CA ASP C 190 4.36 14.19 -14.40
C ASP C 190 5.76 13.58 -14.37
N GLY C 191 6.54 13.88 -13.33
CA GLY C 191 7.85 13.30 -13.21
C GLY C 191 7.80 11.79 -13.07
N LEU C 192 6.80 11.28 -12.34
CA LEU C 192 6.67 9.84 -12.20
C LEU C 192 6.38 9.18 -13.54
N ALA C 193 5.44 9.75 -14.31
CA ALA C 193 5.13 9.18 -15.61
C ALA C 193 6.32 9.24 -16.56
N GLU C 194 7.07 10.35 -16.53
CA GLU C 194 8.23 10.47 -17.41
C GLU C 194 9.32 9.48 -17.02
N ALA C 195 9.61 9.35 -15.73
CA ALA C 195 10.58 8.35 -15.29
C ALA C 195 10.12 6.94 -15.66
N MET C 196 8.81 6.68 -15.63
CA MET C 196 8.32 5.37 -16.02
C MET C 196 8.54 5.12 -17.51
N TYR C 197 8.28 6.12 -18.34
CA TYR C 197 8.54 5.95 -19.77
C TYR C 197 10.03 5.75 -20.03
N LEU C 198 10.89 6.40 -19.23
CA LEU C 198 12.32 6.19 -19.37
C LEU C 198 12.70 4.76 -18.98
N ILE C 199 12.13 4.25 -17.90
CA ILE C 199 12.44 2.89 -17.47
C ILE C 199 11.96 1.89 -18.50
N VAL C 200 10.82 2.17 -19.14
CA VAL C 200 10.35 1.30 -20.21
C VAL C 200 11.31 1.34 -21.39
N GLY C 201 11.80 2.53 -21.72
CA GLY C 201 12.80 2.64 -22.78
C GLY C 201 14.10 1.97 -22.45
N GLY C 202 14.38 1.78 -21.16
CA GLY C 202 15.58 1.07 -20.75
C GLY C 202 15.38 -0.44 -20.65
N VAL C 203 14.14 -0.85 -20.44
CA VAL C 203 13.81 -2.27 -20.41
C VAL C 203 13.72 -2.82 -21.84
N MET C 204 13.25 -2.00 -22.79
CA MET C 204 13.21 -2.45 -24.17
C MET C 204 14.58 -2.82 -24.71
N GLN C 205 15.66 -2.34 -24.07
CA GLN C 205 16.99 -2.78 -24.46
C GLN C 205 17.21 -4.25 -24.12
N TYR C 206 16.67 -4.69 -22.98
CA TYR C 206 16.76 -6.08 -22.58
C TYR C 206 15.67 -6.93 -23.21
N ALA C 207 14.64 -6.29 -23.76
CA ALA C 207 13.50 -6.98 -24.35
C ALA C 207 13.85 -8.03 -25.40
N PRO C 208 14.93 -7.88 -26.19
CA PRO C 208 15.27 -8.98 -27.12
C PRO C 208 15.59 -10.30 -26.43
N ILE C 209 16.44 -10.27 -25.41
CA ILE C 209 16.75 -11.50 -24.67
C ILE C 209 15.49 -12.08 -24.03
N GLY C 210 14.66 -11.21 -23.46
CA GLY C 210 13.45 -11.69 -22.83
C GLY C 210 12.50 -12.35 -23.80
N VAL C 211 12.29 -11.72 -24.95
CA VAL C 211 11.41 -12.29 -25.97
C VAL C 211 11.96 -13.62 -26.46
N PHE C 212 13.26 -13.65 -26.74
CA PHE C 212 13.90 -14.90 -27.18
C PHE C 212 13.65 -16.01 -26.17
N ALA C 213 13.97 -15.77 -24.91
CA ALA C 213 13.86 -16.81 -23.90
C ALA C 213 12.41 -17.25 -23.72
N LEU C 214 11.49 -16.28 -23.64
CA LEU C 214 10.08 -16.59 -23.41
C LEU C 214 9.53 -17.45 -24.54
N ILE C 215 9.65 -16.97 -25.77
CA ILE C 215 9.09 -17.73 -26.88
C ILE C 215 9.85 -19.02 -27.10
N ALA C 216 11.12 -19.11 -26.70
CA ALA C 216 11.83 -20.38 -26.81
C ALA C 216 11.24 -21.41 -25.86
N TYR C 217 11.01 -21.03 -24.61
CA TYR C 217 10.38 -21.96 -23.68
C TYR C 217 8.99 -22.35 -24.15
N VAL C 218 8.22 -21.38 -24.68
CA VAL C 218 6.83 -21.66 -25.03
C VAL C 218 6.75 -22.53 -26.28
N MET C 219 7.66 -22.33 -27.23
CA MET C 219 7.71 -23.20 -28.41
C MET C 219 8.47 -24.49 -28.15
N ALA C 220 9.08 -24.63 -26.97
CA ALA C 220 9.66 -25.90 -26.57
C ALA C 220 8.63 -26.79 -25.89
N GLU C 221 7.94 -26.27 -24.88
CA GLU C 221 7.02 -27.10 -24.12
C GLU C 221 5.71 -27.36 -24.86
N GLN C 222 5.36 -26.53 -25.85
CA GLN C 222 4.12 -26.71 -26.60
C GLN C 222 4.31 -27.14 -28.04
N GLY C 223 5.48 -26.90 -28.62
CA GLY C 223 5.71 -27.23 -30.01
C GLY C 223 5.60 -28.71 -30.33
N VAL C 224 5.55 -29.58 -29.31
CA VAL C 224 5.44 -31.01 -29.53
C VAL C 224 4.01 -31.52 -29.36
N ARG C 225 3.09 -30.69 -28.86
CA ARG C 225 1.71 -31.11 -28.66
C ARG C 225 0.80 -30.76 -29.82
N VAL C 226 1.24 -29.88 -30.73
CA VAL C 226 0.35 -29.37 -31.79
C VAL C 226 0.46 -30.37 -32.94
N VAL C 227 -0.32 -31.44 -32.84
CA VAL C 227 -0.37 -32.49 -33.85
C VAL C 227 -1.79 -33.02 -33.94
N GLY C 228 -2.22 -33.34 -35.16
CA GLY C 228 -3.49 -33.98 -35.38
C GLY C 228 -4.68 -33.05 -35.21
N PRO C 229 -5.76 -33.56 -34.61
CA PRO C 229 -6.97 -32.74 -34.43
C PRO C 229 -6.76 -31.55 -33.53
N LEU C 230 -5.68 -31.51 -32.76
CA LEU C 230 -5.32 -30.35 -31.95
C LEU C 230 -4.46 -29.36 -32.72
N ALA C 231 -4.10 -29.67 -33.96
CA ALA C 231 -3.32 -28.77 -34.79
C ALA C 231 -4.17 -27.92 -35.71
N LYS C 232 -5.43 -28.28 -35.91
CA LYS C 232 -6.32 -27.43 -36.70
C LYS C 232 -6.87 -26.27 -35.87
N VAL C 233 -6.98 -26.44 -34.56
CA VAL C 233 -7.52 -25.36 -33.75
C VAL C 233 -6.54 -24.19 -33.68
N VAL C 234 -5.24 -24.45 -33.64
CA VAL C 234 -4.28 -23.35 -33.62
C VAL C 234 -4.25 -22.65 -34.97
N GLY C 235 -4.37 -23.41 -36.06
CA GLY C 235 -4.48 -22.79 -37.36
C GLY C 235 -5.73 -21.95 -37.49
N ALA C 236 -6.83 -22.41 -36.91
CA ALA C 236 -8.07 -21.64 -36.94
C ALA C 236 -7.95 -20.36 -36.12
N VAL C 237 -7.36 -20.44 -34.93
CA VAL C 237 -7.19 -19.24 -34.11
C VAL C 237 -6.28 -18.24 -34.79
N TYR C 238 -5.17 -18.70 -35.38
CA TYR C 238 -4.24 -17.76 -35.98
C TYR C 238 -4.75 -17.20 -37.30
N THR C 239 -5.47 -18.00 -38.10
CA THR C 239 -6.11 -17.45 -39.28
C THR C 239 -7.22 -16.48 -38.90
N GLY C 240 -7.94 -16.78 -37.81
CA GLY C 240 -8.92 -15.83 -37.32
C GLY C 240 -8.29 -14.53 -36.88
N LEU C 241 -7.15 -14.60 -36.20
CA LEU C 241 -6.47 -13.38 -35.74
C LEU C 241 -5.94 -12.58 -36.90
N PHE C 242 -5.27 -13.24 -37.84
CA PHE C 242 -4.76 -12.55 -39.01
C PHE C 242 -5.89 -11.92 -39.81
N LEU C 243 -7.00 -12.63 -39.98
CA LEU C 243 -8.14 -12.07 -40.69
C LEU C 243 -8.76 -10.93 -39.91
N GLN C 244 -8.88 -11.07 -38.59
CA GLN C 244 -9.39 -10.00 -37.76
C GLN C 244 -8.58 -8.73 -37.96
N ILE C 245 -7.26 -8.81 -37.79
CA ILE C 245 -6.43 -7.64 -38.03
C ILE C 245 -6.62 -7.13 -39.44
N VAL C 246 -6.23 -7.93 -40.43
CA VAL C 246 -6.14 -7.50 -41.83
C VAL C 246 -7.47 -7.01 -42.38
N ILE C 247 -8.59 -7.44 -41.82
CA ILE C 247 -9.88 -7.01 -42.33
C ILE C 247 -10.43 -5.91 -41.44
N THR C 248 -10.73 -6.24 -40.18
CA THR C 248 -11.41 -5.28 -39.32
C THR C 248 -10.53 -4.06 -39.04
N TYR C 249 -9.32 -4.27 -38.53
CA TYR C 249 -8.53 -3.12 -38.12
C TYR C 249 -8.11 -2.30 -39.32
N PHE C 250 -7.76 -2.96 -40.42
CA PHE C 250 -7.34 -2.23 -41.60
C PHE C 250 -8.50 -1.45 -42.21
N ILE C 251 -9.71 -2.02 -42.19
CA ILE C 251 -10.86 -1.31 -42.74
C ILE C 251 -11.22 -0.12 -41.86
N LEU C 252 -11.19 -0.30 -40.54
CA LEU C 252 -11.50 0.81 -39.65
C LEU C 252 -10.47 1.93 -39.80
N LEU C 253 -9.19 1.58 -39.89
CA LEU C 253 -8.15 2.58 -40.07
C LEU C 253 -8.30 3.32 -41.39
N LYS C 254 -8.40 2.58 -42.50
CA LYS C 254 -8.54 3.22 -43.80
C LYS C 254 -9.85 3.98 -43.95
N VAL C 255 -10.85 3.68 -43.12
CA VAL C 255 -12.08 4.45 -43.14
C VAL C 255 -11.91 5.75 -42.38
N PHE C 256 -11.32 5.69 -41.18
CA PHE C 256 -11.10 6.89 -40.39
C PHE C 256 -9.86 7.67 -40.80
N GLY C 257 -9.27 7.35 -41.96
CA GLY C 257 -8.16 8.09 -42.50
C GLY C 257 -6.79 7.53 -42.17
N ILE C 258 -6.63 6.91 -40.99
CA ILE C 258 -5.33 6.44 -40.58
C ILE C 258 -4.81 5.37 -41.55
N ASP C 259 -3.49 5.32 -41.71
CA ASP C 259 -2.86 4.38 -42.62
C ASP C 259 -2.68 3.04 -41.94
N PRO C 260 -3.14 1.93 -42.52
CA PRO C 260 -2.96 0.62 -41.87
C PRO C 260 -1.51 0.18 -41.79
N ILE C 261 -0.83 0.22 -42.95
CA ILE C 261 0.54 -0.31 -43.02
C ILE C 261 1.46 0.47 -42.11
N LYS C 262 1.37 1.81 -42.16
CA LYS C 262 2.17 2.63 -41.27
C LYS C 262 1.84 2.34 -39.81
N PHE C 263 0.57 2.08 -39.50
CA PHE C 263 0.19 1.77 -38.13
C PHE C 263 0.86 0.50 -37.65
N ILE C 264 0.79 -0.57 -38.44
CA ILE C 264 1.38 -1.84 -38.02
C ILE C 264 2.89 -1.71 -37.92
N ARG C 265 3.51 -1.07 -38.92
CA ARG C 265 4.95 -0.84 -38.86
C ARG C 265 5.35 0.05 -37.69
N LYS C 266 4.41 0.81 -37.14
CA LYS C 266 4.67 1.61 -35.94
C LYS C 266 4.44 0.84 -34.65
N ALA C 267 3.67 -0.25 -34.70
CA ALA C 267 3.30 -0.99 -33.52
C ALA C 267 4.13 -2.26 -33.31
N LYS C 268 5.13 -2.51 -34.16
CA LYS C 268 5.90 -3.74 -34.07
C LYS C 268 6.71 -3.81 -32.78
N ASP C 269 6.62 -2.78 -31.96
CA ASP C 269 7.29 -2.77 -30.66
C ASP C 269 6.40 -3.27 -29.54
N ALA C 270 5.09 -3.06 -29.65
CA ALA C 270 4.14 -3.46 -28.62
C ALA C 270 3.23 -4.59 -29.08
N MET C 271 3.46 -5.14 -30.26
CA MET C 271 2.86 -6.40 -30.66
C MET C 271 3.78 -7.59 -30.44
N ILE C 272 5.07 -7.42 -30.73
CA ILE C 272 6.02 -8.50 -30.53
C ILE C 272 6.27 -8.73 -29.04
N THR C 273 6.19 -7.68 -28.23
CA THR C 273 6.38 -7.81 -26.80
C THR C 273 5.11 -8.14 -26.05
N ALA C 274 3.99 -8.29 -26.75
CA ALA C 274 2.77 -8.85 -26.18
C ALA C 274 2.49 -10.26 -26.67
N PHE C 275 2.97 -10.60 -27.87
CA PHE C 275 2.89 -11.95 -28.37
C PHE C 275 3.75 -12.92 -27.59
N VAL C 276 4.63 -12.43 -26.71
CA VAL C 276 5.47 -13.33 -25.93
C VAL C 276 5.24 -13.08 -24.44
N THR C 277 4.80 -11.88 -24.07
CA THR C 277 4.50 -11.63 -22.67
C THR C 277 3.26 -12.40 -22.24
N ARG C 278 2.36 -12.68 -23.18
CA ARG C 278 1.15 -13.46 -22.92
C ARG C 278 0.29 -12.82 -21.84
N SER C 279 0.31 -11.50 -21.77
CA SER C 279 -0.50 -10.77 -20.79
C SER C 279 -0.69 -9.35 -21.30
N SER C 280 -1.91 -9.01 -21.67
CA SER C 280 -2.18 -7.66 -22.18
C SER C 280 -2.05 -6.63 -21.08
N SER C 281 -2.46 -6.95 -19.86
CA SER C 281 -2.35 -6.02 -18.74
C SER C 281 -0.93 -5.89 -18.22
N GLY C 282 -0.01 -6.70 -18.72
CA GLY C 282 1.37 -6.63 -18.30
C GLY C 282 2.23 -5.85 -19.28
N THR C 283 1.90 -5.93 -20.56
CA THR C 283 2.60 -5.17 -21.60
C THR C 283 2.01 -3.79 -21.79
N LEU C 284 1.31 -3.27 -20.80
CA LEU C 284 0.73 -1.94 -20.83
C LEU C 284 1.79 -0.84 -20.90
N PRO C 285 2.91 -0.93 -20.17
CA PRO C 285 3.91 0.12 -20.29
C PRO C 285 4.47 0.26 -21.69
N VAL C 286 4.81 -0.85 -22.34
CA VAL C 286 5.39 -0.77 -23.68
C VAL C 286 4.38 -0.22 -24.68
N THR C 287 3.11 -0.63 -24.57
CA THR C 287 2.15 -0.15 -25.55
C THR C 287 1.80 1.31 -25.30
N MET C 288 1.80 1.77 -24.05
CA MET C 288 1.58 3.19 -23.80
C MET C 288 2.76 4.03 -24.32
N ARG C 289 3.98 3.59 -24.04
CA ARG C 289 5.14 4.31 -24.56
C ARG C 289 5.14 4.34 -26.08
N VAL C 290 4.83 3.22 -26.72
CA VAL C 290 4.86 3.17 -28.17
C VAL C 290 3.75 4.03 -28.75
N ALA C 291 2.58 4.05 -28.12
CA ALA C 291 1.50 4.93 -28.57
C ALA C 291 1.96 6.37 -28.52
N GLU C 292 2.43 6.83 -27.36
CA GLU C 292 2.77 8.24 -27.21
C GLU C 292 3.91 8.65 -28.13
N GLU C 293 4.93 7.81 -28.27
CA GLU C 293 6.16 8.23 -28.93
C GLU C 293 6.29 7.73 -30.37
N GLU C 294 5.31 7.02 -30.90
CA GLU C 294 5.38 6.63 -32.31
C GLU C 294 4.08 6.94 -33.03
N MET C 295 2.97 6.99 -32.30
CA MET C 295 1.69 7.27 -32.92
C MET C 295 1.36 8.76 -32.85
N GLY C 296 1.76 9.44 -31.80
CA GLY C 296 1.53 10.86 -31.66
C GLY C 296 0.35 11.24 -30.80
N VAL C 297 -0.30 10.28 -30.13
CA VAL C 297 -1.47 10.57 -29.33
C VAL C 297 -1.05 11.33 -28.07
N ASP C 298 -1.85 12.34 -27.71
CA ASP C 298 -1.59 13.08 -26.49
C ASP C 298 -1.88 12.22 -25.27
N LYS C 299 -1.39 12.65 -24.11
CA LYS C 299 -1.58 11.89 -22.88
C LYS C 299 -3.02 11.89 -22.41
N GLY C 300 -3.95 12.50 -23.15
CA GLY C 300 -5.34 12.51 -22.75
C GLY C 300 -6.12 11.31 -23.24
N ILE C 301 -5.76 10.82 -24.42
CA ILE C 301 -6.45 9.70 -25.05
C ILE C 301 -5.79 8.38 -24.72
N PHE C 302 -4.48 8.28 -24.89
CA PHE C 302 -3.79 7.01 -24.74
C PHE C 302 -3.54 6.63 -23.29
N SER C 303 -3.88 7.47 -22.33
CA SER C 303 -3.73 7.11 -20.92
C SER C 303 -5.02 6.63 -20.29
N PHE C 304 -6.17 7.03 -20.83
CA PHE C 304 -7.47 6.59 -20.34
C PHE C 304 -8.04 5.44 -21.15
N THR C 305 -7.71 5.35 -22.43
CA THR C 305 -8.26 4.30 -23.29
C THR C 305 -7.40 3.05 -23.31
N LEU C 306 -6.10 3.16 -23.08
CA LEU C 306 -5.20 2.02 -23.21
C LEU C 306 -5.33 1.04 -22.03
N PRO C 307 -5.31 1.50 -20.77
CA PRO C 307 -5.52 0.54 -19.68
C PRO C 307 -6.94 -0.02 -19.68
N LEU C 308 -7.92 0.83 -19.98
CA LEU C 308 -9.30 0.35 -20.10
C LEU C 308 -9.42 -0.71 -21.18
N GLY C 309 -8.71 -0.53 -22.29
CA GLY C 309 -8.71 -1.56 -23.33
C GLY C 309 -7.94 -2.80 -22.92
N ALA C 310 -6.93 -2.64 -22.08
CA ALA C 310 -6.22 -3.79 -21.56
C ALA C 310 -7.02 -4.54 -20.51
N THR C 311 -8.07 -3.93 -19.98
CA THR C 311 -8.92 -4.58 -18.97
C THR C 311 -10.25 -5.06 -19.50
N ILE C 312 -10.93 -4.30 -20.37
CA ILE C 312 -12.26 -4.68 -20.83
C ILE C 312 -12.30 -5.08 -22.30
N ASN C 313 -11.30 -4.72 -23.10
CA ASN C 313 -11.27 -5.09 -24.51
C ASN C 313 -10.46 -6.37 -24.66
N MET C 314 -11.12 -7.44 -25.12
CA MET C 314 -10.47 -8.72 -25.36
C MET C 314 -10.94 -9.20 -26.73
N ASP C 315 -10.23 -8.79 -27.78
CA ASP C 315 -10.63 -9.15 -29.14
C ASP C 315 -10.15 -10.54 -29.51
N GLY C 316 -8.83 -10.76 -29.45
CA GLY C 316 -8.31 -12.08 -29.73
C GLY C 316 -8.78 -13.12 -28.73
N THR C 317 -8.96 -12.71 -27.47
CA THR C 317 -9.51 -13.63 -26.48
C THR C 317 -10.92 -14.05 -26.86
N ALA C 318 -11.75 -13.10 -27.33
CA ALA C 318 -13.11 -13.44 -27.75
C ALA C 318 -13.11 -14.30 -29.01
N LEU C 319 -12.15 -14.07 -29.91
CA LEU C 319 -12.00 -14.95 -31.06
C LEU C 319 -11.64 -16.36 -30.63
N TYR C 320 -10.78 -16.49 -29.61
CA TYR C 320 -10.49 -17.80 -29.05
C TYR C 320 -11.73 -18.40 -28.39
N GLN C 321 -12.58 -17.59 -27.77
CA GLN C 321 -13.81 -18.12 -27.18
C GLN C 321 -14.72 -18.70 -28.26
N GLY C 322 -14.89 -17.98 -29.36
CA GLY C 322 -15.67 -18.50 -30.46
C GLY C 322 -15.11 -19.80 -31.01
N VAL C 323 -13.80 -19.83 -31.24
CA VAL C 323 -13.18 -21.03 -31.80
C VAL C 323 -13.28 -22.21 -30.83
N THR C 324 -13.06 -21.96 -29.54
CA THR C 324 -13.14 -23.04 -28.56
C THR C 324 -14.58 -23.55 -28.41
N VAL C 325 -15.55 -22.65 -28.49
CA VAL C 325 -16.95 -23.07 -28.43
C VAL C 325 -17.27 -23.98 -29.60
N LEU C 326 -16.90 -23.56 -30.82
CA LEU C 326 -17.15 -24.42 -31.97
C LEU C 326 -16.40 -25.74 -31.84
N PHE C 327 -15.18 -25.71 -31.29
CA PHE C 327 -14.40 -26.92 -31.11
C PHE C 327 -15.10 -27.91 -30.20
N VAL C 328 -15.35 -27.53 -28.95
CA VAL C 328 -15.96 -28.45 -28.00
C VAL C 328 -17.38 -28.79 -28.39
N ALA C 329 -18.00 -28.01 -29.28
CA ALA C 329 -19.34 -28.37 -29.74
C ALA C 329 -19.29 -29.44 -30.83
N ASN C 330 -18.41 -29.28 -31.81
CA ASN C 330 -18.28 -30.25 -32.87
C ASN C 330 -17.50 -31.49 -32.45
N ALA C 331 -16.83 -31.47 -31.30
CA ALA C 331 -16.03 -32.59 -30.85
C ALA C 331 -16.83 -33.61 -30.03
N ILE C 332 -17.84 -33.16 -29.29
CA ILE C 332 -18.66 -34.05 -28.49
C ILE C 332 -19.88 -34.48 -29.30
N GLY C 333 -19.88 -34.17 -30.60
CA GLY C 333 -20.97 -34.54 -31.47
C GLY C 333 -22.24 -33.77 -31.19
N HIS C 334 -22.18 -32.45 -31.34
CA HIS C 334 -23.35 -31.58 -31.14
C HIS C 334 -23.14 -30.30 -31.92
N PRO C 335 -23.47 -30.30 -33.21
CA PRO C 335 -23.33 -29.08 -34.01
C PRO C 335 -24.33 -28.01 -33.59
N LEU C 336 -23.92 -26.75 -33.69
CA LEU C 336 -24.74 -25.63 -33.30
C LEU C 336 -25.58 -25.16 -34.49
N THR C 337 -26.23 -24.00 -34.34
CA THR C 337 -27.03 -23.40 -35.40
C THR C 337 -26.72 -21.91 -35.47
N LEU C 338 -27.37 -21.22 -36.40
CA LEU C 338 -27.16 -19.79 -36.53
C LEU C 338 -27.60 -19.05 -35.27
N GLY C 339 -28.75 -19.43 -34.71
CA GLY C 339 -29.22 -18.78 -33.50
C GLY C 339 -28.30 -19.00 -32.33
N GLN C 340 -27.81 -20.23 -32.15
CA GLN C 340 -26.85 -20.49 -31.09
C GLN C 340 -25.55 -19.72 -31.32
N GLN C 341 -25.21 -19.44 -32.58
CA GLN C 341 -24.01 -18.66 -32.85
C GLN C 341 -24.21 -17.19 -32.52
N LEU C 342 -25.39 -16.64 -32.82
CA LEU C 342 -25.72 -15.29 -32.36
C LEU C 342 -25.68 -15.22 -30.84
N VAL C 343 -26.19 -16.25 -30.17
CA VAL C 343 -26.11 -16.31 -28.71
C VAL C 343 -24.66 -16.30 -28.26
N VAL C 344 -23.81 -17.07 -28.94
CA VAL C 344 -22.37 -17.08 -28.63
C VAL C 344 -21.81 -15.66 -28.71
N VAL C 345 -22.14 -14.95 -29.78
CA VAL C 345 -21.58 -13.60 -30.00
C VAL C 345 -22.04 -12.66 -28.89
N LEU C 346 -23.34 -12.62 -28.63
CA LEU C 346 -23.87 -11.68 -27.65
C LEU C 346 -23.35 -12.00 -26.24
N THR C 347 -23.32 -13.28 -25.88
CA THR C 347 -22.82 -13.64 -24.56
C THR C 347 -21.32 -13.42 -24.46
N ALA C 348 -20.58 -13.50 -25.57
CA ALA C 348 -19.16 -13.21 -25.53
C ALA C 348 -18.91 -11.73 -25.27
N VAL C 349 -19.68 -10.85 -25.93
CA VAL C 349 -19.53 -9.41 -25.66
C VAL C 349 -19.92 -9.10 -24.23
N LEU C 350 -21.06 -9.64 -23.77
CA LEU C 350 -21.50 -9.36 -22.41
C LEU C 350 -20.58 -9.98 -21.37
N ALA C 351 -19.83 -11.03 -21.72
CA ALA C 351 -18.85 -11.58 -20.80
C ALA C 351 -17.56 -10.78 -20.80
N SER C 352 -17.18 -10.23 -21.95
CA SER C 352 -16.08 -9.28 -21.99
C SER C 352 -16.36 -8.11 -21.05
N ILE C 353 -17.59 -7.61 -21.07
CA ILE C 353 -17.94 -6.47 -20.22
C ILE C 353 -18.05 -6.91 -18.76
N GLY C 354 -18.95 -7.85 -18.48
CA GLY C 354 -19.29 -8.20 -17.12
C GLY C 354 -18.34 -9.16 -16.42
N THR C 355 -17.06 -9.10 -16.77
CA THR C 355 -16.04 -9.89 -16.10
C THR C 355 -14.79 -9.07 -15.80
N ALA C 356 -14.67 -7.86 -16.34
CA ALA C 356 -13.47 -7.06 -16.22
C ALA C 356 -13.09 -6.84 -14.76
N GLY C 357 -11.92 -7.35 -14.39
CA GLY C 357 -11.39 -7.09 -13.06
C GLY C 357 -11.04 -8.33 -12.26
N VAL C 358 -11.88 -9.36 -12.34
CA VAL C 358 -11.64 -10.55 -11.51
C VAL C 358 -10.45 -11.32 -12.07
N PRO C 359 -9.53 -11.79 -11.24
CA PRO C 359 -8.41 -12.58 -11.74
C PRO C 359 -8.89 -13.88 -12.39
N GLY C 360 -8.05 -14.42 -13.26
CA GLY C 360 -8.43 -15.62 -14.00
C GLY C 360 -9.63 -15.42 -14.88
N ALA C 361 -9.85 -14.19 -15.36
CA ALA C 361 -11.01 -13.89 -16.20
C ALA C 361 -10.95 -14.58 -17.55
N GLY C 362 -9.88 -15.30 -17.87
CA GLY C 362 -9.77 -15.98 -19.14
C GLY C 362 -10.43 -17.34 -19.21
N ALA C 363 -10.77 -17.91 -18.05
CA ALA C 363 -11.45 -19.19 -17.99
C ALA C 363 -12.87 -19.08 -17.45
N ILE C 364 -13.33 -17.88 -17.12
CA ILE C 364 -14.69 -17.66 -16.65
C ILE C 364 -15.59 -17.19 -17.79
N MET C 365 -15.12 -16.25 -18.61
CA MET C 365 -15.90 -15.84 -19.77
C MET C 365 -16.04 -17.00 -20.75
N LEU C 366 -15.05 -17.89 -20.82
CA LEU C 366 -15.21 -19.10 -21.60
C LEU C 366 -16.33 -19.96 -21.04
N ALA C 367 -16.41 -20.07 -19.72
CA ALA C 367 -17.48 -20.84 -19.12
C ALA C 367 -18.84 -20.23 -19.43
N MET C 368 -18.90 -18.89 -19.48
CA MET C 368 -20.16 -18.24 -19.84
C MET C 368 -20.54 -18.50 -21.30
N VAL C 369 -19.60 -18.28 -22.22
CA VAL C 369 -19.86 -18.54 -23.64
C VAL C 369 -20.09 -20.01 -23.93
N LEU C 370 -19.72 -20.90 -23.01
CA LEU C 370 -20.01 -22.31 -23.20
C LEU C 370 -21.37 -22.68 -22.62
N GLN C 371 -21.65 -22.26 -21.39
CA GLN C 371 -22.97 -22.47 -20.80
C GLN C 371 -24.08 -21.82 -21.61
N SER C 372 -23.76 -20.79 -22.40
CA SER C 372 -24.79 -20.17 -23.23
C SER C 372 -25.23 -21.02 -24.40
N VAL C 373 -24.48 -22.07 -24.74
CA VAL C 373 -24.82 -22.93 -25.88
C VAL C 373 -25.36 -24.28 -25.45
N GLY C 374 -25.36 -24.58 -24.16
CA GLY C 374 -25.79 -25.87 -23.65
C GLY C 374 -24.66 -26.72 -23.10
N LEU C 375 -23.43 -26.46 -23.52
CA LEU C 375 -22.28 -27.23 -23.06
C LEU C 375 -21.75 -26.60 -21.78
N ASP C 376 -21.94 -27.30 -20.66
CA ASP C 376 -21.52 -26.80 -19.35
C ASP C 376 -20.21 -27.45 -18.94
N LEU C 377 -19.42 -26.72 -18.14
CA LEU C 377 -18.13 -27.22 -17.66
C LEU C 377 -18.35 -28.05 -16.40
N THR C 378 -18.83 -29.27 -16.60
CA THR C 378 -19.09 -30.19 -15.50
C THR C 378 -18.01 -31.25 -15.43
N PRO C 379 -17.39 -31.47 -14.27
CA PRO C 379 -16.28 -32.44 -14.18
C PRO C 379 -16.76 -33.85 -14.50
N GLY C 380 -15.99 -34.52 -15.36
CA GLY C 380 -16.31 -35.85 -15.82
C GLY C 380 -17.12 -35.90 -17.10
N SER C 381 -17.91 -34.87 -17.36
CA SER C 381 -18.71 -34.82 -18.57
C SER C 381 -17.80 -34.73 -19.80
N PRO C 382 -18.29 -35.13 -20.97
CA PRO C 382 -17.45 -35.06 -22.18
C PRO C 382 -16.93 -33.67 -22.49
N VAL C 383 -17.62 -32.61 -22.04
CA VAL C 383 -17.15 -31.26 -22.33
C VAL C 383 -15.89 -30.94 -21.53
N ALA C 384 -15.85 -31.33 -20.26
CA ALA C 384 -14.68 -31.07 -19.45
C ALA C 384 -13.51 -31.98 -19.79
N LEU C 385 -13.71 -32.95 -20.68
CA LEU C 385 -12.61 -33.74 -21.23
C LEU C 385 -12.22 -33.32 -22.62
N ALA C 386 -13.15 -32.71 -23.38
CA ALA C 386 -12.83 -32.15 -24.68
C ALA C 386 -12.24 -30.77 -24.59
N TYR C 387 -12.39 -30.09 -23.46
CA TYR C 387 -11.75 -28.79 -23.26
C TYR C 387 -10.42 -28.91 -22.53
N ALA C 388 -10.27 -29.92 -21.68
CA ALA C 388 -8.96 -30.17 -21.07
C ALA C 388 -7.90 -30.45 -22.13
N MET C 389 -8.32 -30.94 -23.30
CA MET C 389 -7.38 -31.21 -24.39
C MET C 389 -6.98 -29.93 -25.10
N ILE C 390 -7.95 -29.05 -25.39
CA ILE C 390 -7.63 -27.78 -26.04
C ILE C 390 -6.92 -26.84 -25.08
N LEU C 391 -6.96 -27.11 -23.78
CA LEU C 391 -6.17 -26.33 -22.84
C LEU C 391 -4.69 -26.73 -22.87
N GLY C 392 -4.36 -27.86 -23.49
CA GLY C 392 -2.96 -28.29 -23.52
C GLY C 392 -2.07 -27.32 -24.28
N ILE C 393 -2.58 -26.73 -25.36
CA ILE C 393 -1.81 -25.85 -26.21
C ILE C 393 -2.15 -24.40 -25.91
N ASP C 394 -2.60 -24.14 -24.68
CA ASP C 394 -3.10 -22.81 -24.35
C ASP C 394 -2.00 -21.75 -24.43
N ALA C 395 -0.75 -22.12 -24.24
CA ALA C 395 0.32 -21.12 -24.34
C ALA C 395 0.48 -20.64 -25.79
N ILE C 396 0.68 -21.58 -26.71
CA ILE C 396 0.83 -21.23 -28.12
C ILE C 396 -0.47 -20.71 -28.70
N LEU C 397 -1.60 -20.89 -28.00
CA LEU C 397 -2.88 -20.35 -28.45
C LEU C 397 -3.23 -19.04 -27.77
N ASP C 398 -2.50 -18.66 -26.72
CA ASP C 398 -2.71 -17.42 -26.00
C ASP C 398 -1.73 -16.33 -26.41
N MET C 399 -0.55 -16.72 -26.88
CA MET C 399 0.41 -15.72 -27.37
C MET C 399 -0.21 -14.83 -28.44
N GLY C 400 -0.72 -15.43 -29.51
CA GLY C 400 -1.26 -14.64 -30.60
C GLY C 400 -2.47 -13.81 -30.18
N ARG C 401 -3.32 -14.37 -29.33
CA ARG C 401 -4.52 -13.63 -28.96
C ARG C 401 -4.21 -12.50 -28.00
N THR C 402 -3.13 -12.60 -27.23
CA THR C 402 -2.68 -11.41 -26.49
C THR C 402 -2.11 -10.36 -27.44
N MET C 403 -1.38 -10.81 -28.46
CA MET C 403 -0.90 -9.88 -29.48
C MET C 403 -2.06 -9.09 -30.08
N VAL C 404 -3.16 -9.77 -30.40
CA VAL C 404 -4.29 -9.08 -31.01
C VAL C 404 -5.05 -8.25 -29.97
N ASN C 405 -5.10 -8.71 -28.72
CA ASN C 405 -5.72 -7.91 -27.67
C ASN C 405 -5.00 -6.58 -27.48
N VAL C 406 -3.71 -6.52 -27.78
CA VAL C 406 -2.97 -5.27 -27.65
C VAL C 406 -3.02 -4.44 -28.94
N THR C 407 -2.95 -5.10 -30.10
CA THR C 407 -3.10 -4.36 -31.35
C THR C 407 -4.48 -3.71 -31.44
N GLY C 408 -5.50 -4.33 -30.86
CA GLY C 408 -6.80 -3.69 -30.82
C GLY C 408 -6.81 -2.44 -29.96
N ASP C 409 -6.12 -2.49 -28.82
CA ASP C 409 -5.99 -1.30 -27.97
C ASP C 409 -5.35 -0.16 -28.74
N LEU C 410 -4.23 -0.45 -29.42
CA LEU C 410 -3.55 0.60 -30.18
C LEU C 410 -4.43 1.15 -31.29
N ALA C 411 -5.08 0.26 -32.05
CA ALA C 411 -5.93 0.72 -33.15
C ALA C 411 -7.07 1.58 -32.65
N GLY C 412 -7.72 1.17 -31.56
CA GLY C 412 -8.83 1.95 -31.04
C GLY C 412 -8.40 3.28 -30.47
N THR C 413 -7.26 3.32 -29.77
CA THR C 413 -6.72 4.58 -29.30
C THR C 413 -6.45 5.53 -30.46
N VAL C 414 -5.84 5.02 -31.54
CA VAL C 414 -5.53 5.88 -32.68
C VAL C 414 -6.82 6.33 -33.37
N ILE C 415 -7.83 5.46 -33.42
CA ILE C 415 -9.10 5.84 -34.04
C ILE C 415 -9.77 6.96 -33.27
N VAL C 416 -9.90 6.80 -31.95
CA VAL C 416 -10.51 7.83 -31.12
C VAL C 416 -9.70 9.12 -31.18
N ALA C 417 -8.37 9.00 -31.24
CA ALA C 417 -7.53 10.19 -31.35
C ALA C 417 -7.80 10.94 -32.65
N LYS C 418 -7.65 10.26 -33.78
CA LYS C 418 -7.88 10.90 -35.07
C LYS C 418 -9.31 11.43 -35.19
N THR C 419 -10.25 10.83 -34.47
CA THR C 419 -11.61 11.38 -34.42
C THR C 419 -11.66 12.63 -33.56
N GLU C 420 -10.78 12.74 -32.55
CA GLU C 420 -10.76 13.87 -31.64
C GLU C 420 -9.65 14.86 -31.95
N LYS C 421 -9.00 14.73 -33.12
CA LYS C 421 -7.96 15.64 -33.58
C LYS C 421 -6.74 15.63 -32.68
N GLU C 422 -6.71 14.74 -31.68
CA GLU C 422 -5.56 14.68 -30.78
C GLU C 422 -4.34 14.08 -31.46
N LEU C 423 -4.54 13.18 -32.42
CA LEU C 423 -3.43 12.50 -33.08
C LEU C 423 -2.53 13.48 -33.80
N ASP C 424 -1.29 13.63 -33.32
CA ASP C 424 -0.33 14.55 -33.92
C ASP C 424 0.03 14.05 -35.32
N GLU C 425 -0.42 14.77 -36.34
CA GLU C 425 -0.26 14.34 -37.73
C GLU C 425 1.14 14.58 -38.27
N SER C 426 2.10 14.96 -37.43
CA SER C 426 3.48 15.09 -37.88
C SER C 426 4.26 13.80 -37.75
N LYS C 427 3.88 12.95 -36.80
CA LYS C 427 4.49 11.64 -36.61
C LYS C 427 3.94 10.58 -37.55
N TRP C 428 3.08 10.96 -38.50
CA TRP C 428 2.37 10.01 -39.33
C TRP C 428 2.64 10.14 -40.82
N ILE C 429 3.45 11.10 -41.24
CA ILE C 429 3.80 11.25 -42.64
C ILE C 429 5.28 11.60 -42.74
N SER C 430 5.95 11.03 -43.74
CA SER C 430 7.37 11.23 -43.93
C SER C 430 7.68 11.92 -45.25
C2 TB1 D . 15.93 -12.74 8.07
C5 TB1 D . 16.08 -12.51 6.71
C8 TB1 D . 17.27 -12.78 6.09
C6 TB1 D . 18.33 -13.29 6.82
C3 TB1 D . 18.19 -13.52 8.18
C1 TB1 D . 16.99 -13.25 8.81
C4 TB1 D . 16.82 -13.50 10.31
O2 TB1 D . 17.05 -12.32 11.02
C11 TB1 D . 18.15 -12.35 11.88
C9 TB1 D . 18.10 -13.62 12.73
O5 TB1 D . 17.14 -13.80 13.53
O1 TB1 D . 19.01 -14.48 12.64
C7 TB1 D . 18.10 -11.15 12.80
C10 TB1 D . 16.72 -10.49 12.71
O4 TB1 D . 16.49 -9.64 11.82
O3 TB1 D . 15.82 -10.83 13.53
N TB1 D . 18.33 -11.57 14.17
C2 TB1 E . -6.59 -12.40 -18.15
C5 TB1 E . -6.43 -11.57 -17.06
C8 TB1 E . -7.36 -10.56 -16.83
C6 TB1 E . -8.42 -10.38 -17.69
C3 TB1 E . -8.57 -11.22 -18.79
C1 TB1 E . -7.65 -12.22 -19.01
C4 TB1 E . -7.81 -13.14 -20.21
O2 TB1 E . -6.54 -13.64 -20.57
C11 TB1 E . -6.26 -13.57 -21.93
C9 TB1 E . -6.56 -14.93 -22.56
O5 TB1 E . -6.07 -15.98 -22.08
O1 TB1 E . -7.32 -15.00 -23.57
C7 TB1 E . -4.79 -13.24 -22.14
C10 TB1 E . -4.63 -11.73 -22.25
O4 TB1 E . -4.70 -11.17 -23.37
O3 TB1 E . -4.43 -11.05 -21.22
N TB1 E . -4.01 -13.71 -21.01
#